data_1IV6
#
_entry.id   1IV6
#
loop_
_entity.id
_entity.type
_entity.pdbx_description
1 polymer "5'-D(*GP*TP*TP*AP*GP*GP*GP*TP*TP*AP*GP*GP*G)-3'"
2 polymer "5'-D(*CP*CP*CP*TP*AP*AP*CP*CP*CP*TP*AP*AP*C)-3'"
3 polymer 'TELOMERIC REPEAT BINDING FACTOR 1'
#
loop_
_entity_poly.entity_id
_entity_poly.type
_entity_poly.pdbx_seq_one_letter_code
_entity_poly.pdbx_strand_id
1 'polydeoxyribonucleotide' (DG)(DT)(DT)(DA)(DG)(DG)(DG)(DT)(DT)(DA)(DG)(DG)(DG) B
2 'polydeoxyribonucleotide' (DC)(DC)(DC)(DT)(DA)(DA)(DC)(DC)(DC)(DT)(DA)(DA)(DC) C
3 'polypeptide(L)' MTPEKHRARKRQAWLWEEDKNLRSGVRKYGEGNWSKILLHYKFNNRTSVMLKDRWRTMKKLKLISSDSED A
#
# COMPACT_ATOMS: atom_id res chain seq x y z
N ARG C 9 0.32 -21.36 -9.04
CA ARG C 9 1.11 -20.22 -8.58
C ARG C 9 0.37 -19.55 -7.42
N LYS C 10 0.58 -20.06 -6.19
CA LYS C 10 -0.06 -19.56 -4.99
C LYS C 10 -0.08 -18.04 -4.93
N ARG C 11 -1.26 -17.49 -4.65
CA ARG C 11 -1.53 -16.06 -4.53
C ARG C 11 -0.57 -15.47 -3.49
N GLN C 12 0.05 -14.32 -3.84
CA GLN C 12 0.99 -13.65 -2.97
C GLN C 12 0.27 -12.91 -1.84
N ALA C 13 0.66 -13.19 -0.59
CA ALA C 13 0.12 -12.53 0.58
C ALA C 13 1.07 -11.34 0.83
N TRP C 14 0.55 -10.12 1.06
CA TRP C 14 1.46 -9.00 1.26
C TRP C 14 2.28 -9.19 2.54
N LEU C 15 3.56 -8.80 2.47
CA LEU C 15 4.51 -8.88 3.58
C LEU C 15 4.79 -7.46 4.08
N TRP C 16 5.43 -7.32 5.25
CA TRP C 16 5.77 -6.00 5.79
C TRP C 16 6.68 -5.23 4.86
N GLU C 17 7.36 -5.86 3.91
CA GLU C 17 8.18 -5.05 3.02
C GLU C 17 7.23 -4.13 2.26
N GLU C 18 6.22 -4.72 1.62
CA GLU C 18 5.20 -4.01 0.87
C GLU C 18 4.33 -3.16 1.81
N ASP C 19 3.73 -3.76 2.84
CA ASP C 19 2.84 -3.07 3.79
C ASP C 19 3.53 -1.96 4.57
N LYS C 20 4.74 -2.21 5.10
CA LYS C 20 5.44 -1.20 5.88
C LYS C 20 5.85 -0.06 4.93
N ASN C 21 6.32 -0.41 3.72
CA ASN C 21 6.68 0.58 2.71
C ASN C 21 5.45 1.42 2.34
N LEU C 22 4.28 0.76 2.18
CA LEU C 22 3.03 1.41 1.86
C LEU C 22 2.66 2.39 2.96
N ARG C 23 2.71 1.95 4.23
CA ARG C 23 2.41 2.80 5.37
C ARG C 23 3.29 4.05 5.34
N SER C 24 4.58 3.88 5.06
CA SER C 24 5.49 5.00 4.91
C SER C 24 4.96 5.90 3.80
N GLY C 25 4.67 5.33 2.62
CA GLY C 25 4.13 6.05 1.47
C GLY C 25 2.94 6.93 1.85
N VAL C 26 1.96 6.35 2.57
CA VAL C 26 0.77 7.03 3.03
C VAL C 26 1.14 8.24 3.89
N ARG C 27 2.07 8.09 4.82
CA ARG C 27 2.48 9.18 5.70
C ARG C 27 3.33 10.25 5.01
N LYS C 28 4.26 9.86 4.13
CA LYS C 28 5.16 10.78 3.46
C LYS C 28 4.54 11.49 2.25
N TYR C 29 3.60 10.85 1.53
CA TYR C 29 3.01 11.40 0.31
C TYR C 29 1.47 11.38 0.29
N GLY C 30 0.82 11.18 1.44
CA GLY C 30 -0.62 11.16 1.53
C GLY C 30 -1.23 9.80 1.16
N GLU C 31 -2.37 9.47 1.77
CA GLU C 31 -3.10 8.23 1.59
C GLU C 31 -3.51 8.01 0.13
N GLY C 32 -4.54 8.73 -0.32
CA GLY C 32 -5.09 8.65 -1.68
C GLY C 32 -4.18 9.31 -2.71
N ASN C 33 -2.93 8.82 -2.83
CA ASN C 33 -1.90 9.29 -3.74
C ASN C 33 -1.03 8.09 -4.11
N TRP C 34 -1.68 6.99 -4.49
CA TRP C 34 -1.02 5.73 -4.83
C TRP C 34 -0.06 5.90 -6.00
N SER C 35 -0.33 6.84 -6.92
CA SER C 35 0.53 7.14 -8.04
C SER C 35 1.88 7.61 -7.50
N LYS C 36 1.85 8.66 -6.66
CA LYS C 36 3.05 9.20 -6.03
C LYS C 36 3.79 8.10 -5.30
N ILE C 37 3.08 7.33 -4.46
CA ILE C 37 3.67 6.23 -3.71
C ILE C 37 4.40 5.26 -4.63
N LEU C 38 3.76 4.83 -5.74
CA LEU C 38 4.35 3.92 -6.71
C LEU C 38 5.58 4.53 -7.39
N LEU C 39 5.58 5.85 -7.64
CA LEU C 39 6.71 6.52 -8.27
C LEU C 39 7.88 6.58 -7.29
N HIS C 40 7.64 7.05 -6.07
CA HIS C 40 8.65 7.18 -5.03
C HIS C 40 9.23 5.84 -4.61
N TYR C 41 8.37 4.90 -4.19
CA TYR C 41 8.78 3.58 -3.69
C TYR C 41 8.29 2.45 -4.58
N LYS C 42 9.13 1.43 -4.77
CA LYS C 42 8.86 0.24 -5.57
C LYS C 42 8.19 -0.84 -4.72
N PHE C 43 7.58 -1.80 -5.42
CA PHE C 43 6.86 -2.96 -4.90
C PHE C 43 7.12 -4.10 -5.89
N ASN C 44 6.67 -5.32 -5.57
CA ASN C 44 6.85 -6.49 -6.44
C ASN C 44 6.26 -6.23 -7.83
N ASN C 45 4.93 -6.10 -7.91
CA ASN C 45 4.20 -5.85 -9.13
C ASN C 45 2.79 -5.41 -8.74
N ARG C 46 2.68 -4.18 -8.23
CA ARG C 46 1.44 -3.59 -7.75
C ARG C 46 0.98 -2.45 -8.64
N THR C 47 -0.29 -2.05 -8.46
CA THR C 47 -0.97 -0.98 -9.17
C THR C 47 -1.71 -0.11 -8.16
N SER C 48 -2.31 0.99 -8.65
CA SER C 48 -3.11 1.89 -7.83
C SER C 48 -4.25 1.08 -7.19
N VAL C 49 -4.88 0.21 -7.99
CA VAL C 49 -5.96 -0.67 -7.56
C VAL C 49 -5.48 -1.49 -6.36
N MET C 50 -4.38 -2.24 -6.53
CA MET C 50 -3.82 -3.07 -5.47
C MET C 50 -3.58 -2.26 -4.20
N LEU C 51 -2.75 -1.22 -4.27
CA LEU C 51 -2.42 -0.40 -3.10
C LEU C 51 -3.66 0.10 -2.38
N LYS C 52 -4.58 0.73 -3.13
CA LYS C 52 -5.79 1.26 -2.53
C LYS C 52 -6.63 0.16 -1.89
N ASP C 53 -6.94 -0.93 -2.60
CA ASP C 53 -7.77 -1.99 -2.02
C ASP C 53 -7.10 -2.63 -0.80
N ARG C 54 -5.77 -2.69 -0.78
CA ARG C 54 -5.02 -3.21 0.37
C ARG C 54 -5.28 -2.29 1.56
N TRP C 55 -5.04 -0.99 1.38
CA TRP C 55 -5.24 0.00 2.43
C TRP C 55 -6.71 0.07 2.84
N ARG C 56 -7.64 -0.17 1.90
CA ARG C 56 -9.07 -0.17 2.13
C ARG C 56 -9.41 -1.23 3.16
N THR C 57 -9.08 -2.50 2.87
CA THR C 57 -9.33 -3.61 3.77
C THR C 57 -8.69 -3.33 5.14
N MET C 58 -7.44 -2.87 5.12
CA MET C 58 -6.69 -2.55 6.32
C MET C 58 -7.47 -1.55 7.19
N LYS C 59 -7.73 -0.34 6.68
CA LYS C 59 -8.45 0.68 7.45
C LYS C 59 -9.87 0.26 7.83
N LYS C 60 -10.57 -0.49 6.97
CA LYS C 60 -11.94 -0.93 7.22
C LYS C 60 -12.06 -1.65 8.57
N LEU C 61 -11.05 -2.44 8.93
CA LEU C 61 -11.03 -3.23 10.15
C LEU C 61 -10.16 -2.63 11.26
N LYS C 62 -9.01 -2.05 10.90
CA LYS C 62 -8.02 -1.53 11.85
C LYS C 62 -8.05 -0.01 12.05
N LEU C 63 -8.60 0.75 11.09
CA LEU C 63 -8.73 2.20 11.14
C LEU C 63 -7.40 2.95 11.34
N ILE C 64 -6.59 3.04 10.28
CA ILE C 64 -5.32 3.76 10.26
C ILE C 64 -5.27 4.61 8.99
N SER C 65 -4.66 5.79 9.11
CA SER C 65 -4.48 6.79 8.06
C SER C 65 -3.41 7.76 8.55
N ARG C 9 -0.01 -23.16 -4.42
CA ARG C 9 -1.06 -22.25 -4.86
C ARG C 9 -1.21 -21.14 -3.81
N LYS C 10 -0.49 -20.03 -3.99
CA LYS C 10 -0.49 -18.87 -3.11
C LYS C 10 -0.33 -17.60 -3.93
N ARG C 11 -1.07 -16.56 -3.55
CA ARG C 11 -1.08 -15.24 -4.18
C ARG C 11 0.05 -14.38 -3.62
N GLN C 12 0.17 -13.13 -4.08
CA GLN C 12 1.20 -12.22 -3.60
C GLN C 12 0.81 -11.67 -2.23
N ALA C 13 1.00 -12.48 -1.19
CA ALA C 13 0.71 -12.12 0.20
C ALA C 13 1.58 -10.92 0.57
N TRP C 14 0.94 -9.84 1.06
CA TRP C 14 1.68 -8.64 1.44
C TRP C 14 2.49 -8.92 2.71
N LEU C 15 3.54 -8.12 2.93
CA LEU C 15 4.46 -8.21 4.06
C LEU C 15 4.88 -6.79 4.45
N TRP C 16 5.53 -6.60 5.62
CA TRP C 16 5.92 -5.25 6.03
C TRP C 16 6.78 -4.52 5.02
N GLU C 17 7.54 -5.16 4.13
CA GLU C 17 8.29 -4.35 3.19
C GLU C 17 7.31 -3.51 2.38
N GLU C 18 6.35 -4.16 1.74
CA GLU C 18 5.33 -3.51 0.94
C GLU C 18 4.39 -2.67 1.82
N ASP C 19 3.86 -3.22 2.92
CA ASP C 19 2.93 -2.54 3.81
C ASP C 19 3.54 -1.36 4.57
N LYS C 20 4.75 -1.53 5.12
CA LYS C 20 5.44 -0.49 5.87
C LYS C 20 5.73 0.65 4.88
N ASN C 21 6.16 0.31 3.67
CA ASN C 21 6.40 1.30 2.63
C ASN C 21 5.09 1.97 2.20
N LEU C 22 4.00 1.19 2.04
CA LEU C 22 2.69 1.66 1.64
C LEU C 22 2.19 2.73 2.63
N ARG C 23 2.06 2.35 3.90
CA ARG C 23 1.60 3.26 4.95
C ARG C 23 2.52 4.47 5.05
N SER C 24 3.85 4.26 4.93
CA SER C 24 4.82 5.36 4.94
C SER C 24 4.46 6.33 3.82
N GLY C 25 4.22 5.81 2.62
CA GLY C 25 3.87 6.58 1.43
C GLY C 25 2.59 7.38 1.67
N VAL C 26 1.54 6.71 2.19
CA VAL C 26 0.26 7.34 2.50
C VAL C 26 0.49 8.53 3.43
N ARG C 27 1.30 8.35 4.47
CA ARG C 27 1.60 9.42 5.41
C ARG C 27 2.38 10.55 4.73
N LYS C 28 3.53 10.22 4.13
CA LYS C 28 4.44 11.15 3.46
C LYS C 28 3.80 11.99 2.36
N TYR C 29 3.27 11.34 1.33
CA TYR C 29 2.73 12.02 0.15
C TYR C 29 1.25 12.35 0.31
N GLY C 30 0.49 11.46 0.95
CA GLY C 30 -0.94 11.61 1.19
C GLY C 30 -1.67 10.37 0.67
N GLU C 31 -2.89 10.15 1.18
CA GLU C 31 -3.70 9.02 0.75
C GLU C 31 -4.27 9.34 -0.64
N GLY C 32 -4.55 8.30 -1.43
CA GLY C 32 -5.06 8.47 -2.78
C GLY C 32 -3.98 9.00 -3.72
N ASN C 33 -2.75 8.51 -3.57
CA ASN C 33 -1.58 8.85 -4.37
C ASN C 33 -0.85 7.54 -4.67
N TRP C 34 -1.63 6.49 -4.95
CA TRP C 34 -1.17 5.13 -5.21
C TRP C 34 -0.08 5.07 -6.27
N SER C 35 -0.25 5.82 -7.36
CA SER C 35 0.72 5.86 -8.44
C SER C 35 2.07 6.40 -7.94
N LYS C 36 2.04 7.44 -7.11
CA LYS C 36 3.22 8.08 -6.56
C LYS C 36 3.88 7.09 -5.59
N ILE C 37 3.10 6.56 -4.65
CA ILE C 37 3.56 5.59 -3.65
C ILE C 37 4.25 4.43 -4.35
N LEU C 38 3.63 3.88 -5.40
CA LEU C 38 4.17 2.79 -6.19
C LEU C 38 5.49 3.21 -6.85
N LEU C 39 5.56 4.42 -7.41
CA LEU C 39 6.76 4.91 -8.07
C LEU C 39 7.92 4.98 -7.09
N HIS C 40 7.71 5.62 -5.93
CA HIS C 40 8.72 5.77 -4.90
C HIS C 40 9.11 4.41 -4.31
N TYR C 41 8.11 3.68 -3.81
CA TYR C 41 8.25 2.37 -3.20
C TYR C 41 7.70 1.31 -4.15
N LYS C 42 8.58 0.71 -4.96
CA LYS C 42 8.22 -0.31 -5.93
C LYS C 42 7.93 -1.64 -5.23
N PHE C 43 6.73 -2.19 -5.44
CA PHE C 43 6.26 -3.43 -4.85
C PHE C 43 6.29 -4.58 -5.87
N ASN C 44 5.92 -5.79 -5.44
CA ASN C 44 5.91 -6.99 -6.27
C ASN C 44 4.72 -7.00 -7.22
N ASN C 45 4.76 -6.10 -8.22
CA ASN C 45 3.75 -5.95 -9.26
C ASN C 45 2.36 -5.65 -8.67
N ARG C 46 2.22 -4.47 -8.06
CA ARG C 46 0.99 -3.99 -7.45
C ARG C 46 0.46 -2.82 -8.28
N THR C 47 -0.79 -2.94 -8.73
CA THR C 47 -1.48 -1.91 -9.48
C THR C 47 -2.02 -0.84 -8.53
N SER C 48 -2.43 0.31 -9.07
CA SER C 48 -3.01 1.40 -8.28
C SER C 48 -4.15 0.83 -7.40
N VAL C 49 -4.97 -0.03 -8.00
CA VAL C 49 -6.07 -0.73 -7.35
C VAL C 49 -5.54 -1.55 -6.17
N MET C 50 -4.50 -2.36 -6.39
CA MET C 50 -3.89 -3.21 -5.36
C MET C 50 -3.52 -2.37 -4.14
N LEU C 51 -2.79 -1.26 -4.33
CA LEU C 51 -2.39 -0.40 -3.23
C LEU C 51 -3.62 0.11 -2.47
N LYS C 52 -4.59 0.63 -3.22
CA LYS C 52 -5.82 1.15 -2.67
C LYS C 52 -6.52 0.12 -1.80
N ASP C 53 -6.98 -0.99 -2.40
CA ASP C 53 -7.69 -2.03 -1.67
C ASP C 53 -6.90 -2.55 -0.48
N ARG C 54 -5.57 -2.75 -0.62
CA ARG C 54 -4.75 -3.21 0.48
C ARG C 54 -4.85 -2.23 1.64
N TRP C 55 -4.70 -0.93 1.37
CA TRP C 55 -4.78 0.08 2.42
C TRP C 55 -6.19 0.11 3.03
N ARG C 56 -7.25 -0.06 2.23
CA ARG C 56 -8.59 -0.08 2.77
C ARG C 56 -8.72 -1.23 3.78
N THR C 57 -8.30 -2.44 3.37
CA THR C 57 -8.34 -3.62 4.24
C THR C 57 -7.56 -3.34 5.53
N MET C 58 -6.27 -3.01 5.40
CA MET C 58 -5.40 -2.75 6.53
C MET C 58 -5.97 -1.67 7.45
N LYS C 59 -6.16 -0.44 6.93
CA LYS C 59 -6.66 0.65 7.73
C LYS C 59 -7.94 0.28 8.47
N LYS C 60 -8.87 -0.40 7.79
CA LYS C 60 -10.12 -0.85 8.39
C LYS C 60 -9.87 -1.86 9.52
N LEU C 61 -8.99 -2.85 9.28
CA LEU C 61 -8.66 -3.90 10.23
C LEU C 61 -8.21 -3.33 11.57
N LYS C 62 -7.09 -2.58 11.59
CA LYS C 62 -6.60 -1.97 12.83
C LYS C 62 -7.57 -0.90 13.30
N LEU C 63 -8.07 -0.12 12.35
CA LEU C 63 -8.99 1.00 12.47
C LEU C 63 -8.24 2.33 12.53
N ILE C 64 -7.38 2.55 11.53
CA ILE C 64 -6.61 3.77 11.37
C ILE C 64 -7.52 4.81 10.74
N SER C 65 -7.55 6.01 11.30
CA SER C 65 -8.34 7.12 10.75
C SER C 65 -7.42 7.81 9.75
N ARG C 9 -4.00 -20.16 -10.67
CA ARG C 9 -4.24 -19.71 -9.30
C ARG C 9 -2.95 -19.06 -8.79
N LYS C 10 -3.05 -17.85 -8.24
CA LYS C 10 -1.89 -17.12 -7.76
C LYS C 10 -2.33 -16.10 -6.70
N ARG C 11 -1.83 -16.27 -5.47
CA ARG C 11 -2.10 -15.39 -4.33
C ARG C 11 -0.76 -14.93 -3.77
N GLN C 12 -0.27 -13.81 -4.31
CA GLN C 12 1.00 -13.18 -3.95
C GLN C 12 0.84 -12.39 -2.66
N ALA C 13 0.96 -13.08 -1.52
CA ALA C 13 0.88 -12.48 -0.20
C ALA C 13 1.89 -11.34 -0.10
N TRP C 14 1.50 -10.24 0.55
CA TRP C 14 2.34 -9.06 0.69
C TRP C 14 3.55 -9.32 1.59
N LEU C 15 4.66 -8.64 1.27
CA LEU C 15 5.93 -8.74 1.97
C LEU C 15 6.16 -7.49 2.81
N TRP C 16 7.18 -7.52 3.70
CA TRP C 16 7.50 -6.37 4.54
C TRP C 16 7.70 -5.17 3.65
N GLU C 17 8.70 -5.25 2.78
CA GLU C 17 9.04 -4.18 1.86
C GLU C 17 7.81 -3.48 1.30
N GLU C 18 6.80 -4.25 0.87
CA GLU C 18 5.56 -3.69 0.36
C GLU C 18 4.81 -2.93 1.47
N ASP C 19 4.46 -3.60 2.57
CA ASP C 19 3.76 -2.99 3.70
C ASP C 19 4.49 -1.74 4.21
N LYS C 20 5.75 -1.95 4.57
CA LYS C 20 6.74 -1.03 5.08
C LYS C 20 6.79 0.22 4.17
N ASN C 21 6.95 0.03 2.86
CA ASN C 21 7.01 1.12 1.89
C ASN C 21 5.68 1.87 1.81
N LEU C 22 4.56 1.15 1.66
CA LEU C 22 3.23 1.74 1.57
C LEU C 22 2.98 2.63 2.78
N ARG C 23 3.24 2.10 3.98
CA ARG C 23 3.09 2.79 5.25
C ARG C 23 3.90 4.08 5.24
N SER C 24 5.19 3.99 4.89
CA SER C 24 6.06 5.15 4.83
C SER C 24 5.49 6.21 3.88
N GLY C 25 5.11 5.80 2.67
CA GLY C 25 4.55 6.67 1.65
C GLY C 25 3.31 7.40 2.14
N VAL C 26 2.29 6.66 2.58
CA VAL C 26 1.05 7.27 3.05
C VAL C 26 1.31 8.16 4.27
N ARG C 27 2.15 7.71 5.21
CA ARG C 27 2.45 8.49 6.40
C ARG C 27 3.02 9.86 6.03
N LYS C 28 3.90 9.91 5.01
CA LYS C 28 4.54 11.14 4.56
C LYS C 28 3.63 12.02 3.68
N TYR C 29 3.07 11.45 2.62
CA TYR C 29 2.29 12.17 1.61
C TYR C 29 0.79 12.21 1.85
N GLY C 30 0.23 11.16 2.45
CA GLY C 30 -1.20 11.00 2.70
C GLY C 30 -1.74 9.99 1.69
N GLU C 31 -3.08 9.90 1.57
CA GLU C 31 -3.74 8.98 0.65
C GLU C 31 -4.03 9.70 -0.68
N GLY C 32 -4.67 9.01 -1.64
CA GLY C 32 -5.01 9.57 -2.94
C GLY C 32 -3.78 9.95 -3.78
N ASN C 33 -2.73 9.14 -3.70
CA ASN C 33 -1.48 9.31 -4.46
C ASN C 33 -0.74 7.97 -4.49
N TRP C 34 -1.50 6.90 -4.69
CA TRP C 34 -1.02 5.52 -4.73
C TRP C 34 0.01 5.35 -5.83
N SER C 35 -0.28 5.86 -7.04
CA SER C 35 0.64 5.82 -8.16
C SER C 35 1.96 6.49 -7.77
N LYS C 36 1.89 7.66 -7.12
CA LYS C 36 3.08 8.37 -6.68
C LYS C 36 3.89 7.46 -5.75
N ILE C 37 3.23 6.83 -4.76
CA ILE C 37 3.92 5.92 -3.85
C ILE C 37 4.55 4.76 -4.64
N LEU C 38 3.85 4.22 -5.65
CA LEU C 38 4.33 3.15 -6.50
C LEU C 38 5.56 3.60 -7.29
N LEU C 39 5.64 4.88 -7.64
CA LEU C 39 6.76 5.45 -8.37
C LEU C 39 7.96 5.63 -7.42
N HIS C 40 7.72 6.26 -6.28
CA HIS C 40 8.72 6.59 -5.28
C HIS C 40 9.34 5.34 -4.65
N TYR C 41 8.51 4.44 -4.12
CA TYR C 41 8.92 3.19 -3.49
C TYR C 41 8.69 2.04 -4.45
N LYS C 42 9.35 0.91 -4.23
CA LYS C 42 9.21 -0.27 -5.08
C LYS C 42 8.28 -1.28 -4.40
N PHE C 43 7.67 -2.14 -5.22
CA PHE C 43 6.75 -3.20 -4.81
C PHE C 43 6.87 -4.34 -5.82
N ASN C 44 6.18 -5.46 -5.60
CA ASN C 44 6.20 -6.59 -6.50
C ASN C 44 5.54 -6.19 -7.83
N ASN C 45 4.22 -5.94 -7.78
CA ASN C 45 3.39 -5.54 -8.91
C ASN C 45 2.04 -5.14 -8.31
N ARG C 46 2.00 -3.98 -7.64
CA ARG C 46 0.83 -3.46 -6.97
C ARG C 46 0.32 -2.22 -7.71
N THR C 47 -0.95 -2.26 -8.15
CA THR C 47 -1.61 -1.19 -8.85
C THR C 47 -2.19 -0.18 -7.85
N SER C 48 -2.66 0.96 -8.36
CA SER C 48 -3.30 1.98 -7.53
C SER C 48 -4.49 1.32 -6.80
N VAL C 49 -5.21 0.43 -7.51
CA VAL C 49 -6.33 -0.33 -6.97
C VAL C 49 -5.84 -1.16 -5.78
N MET C 50 -4.83 -2.01 -5.99
CA MET C 50 -4.28 -2.87 -4.94
C MET C 50 -3.90 -2.07 -3.70
N LEU C 51 -3.06 -1.04 -3.88
CA LEU C 51 -2.56 -0.18 -2.82
C LEU C 51 -3.72 0.43 -2.03
N LYS C 52 -4.65 1.11 -2.73
CA LYS C 52 -5.78 1.76 -2.10
C LYS C 52 -6.67 0.77 -1.35
N ASP C 53 -7.09 -0.29 -2.04
CA ASP C 53 -7.98 -1.30 -1.47
C ASP C 53 -7.36 -1.90 -0.22
N ARG C 54 -6.11 -2.35 -0.30
CA ARG C 54 -5.42 -2.93 0.84
C ARG C 54 -5.41 -1.97 2.04
N TRP C 55 -5.02 -0.71 1.80
CA TRP C 55 -4.98 0.28 2.85
C TRP C 55 -6.36 0.44 3.50
N ARG C 56 -7.41 0.55 2.67
CA ARG C 56 -8.80 0.67 3.10
C ARG C 56 -9.19 -0.52 3.97
N THR C 57 -8.99 -1.74 3.44
CA THR C 57 -9.32 -2.99 4.09
C THR C 57 -8.70 -3.09 5.48
N MET C 58 -7.42 -2.76 5.63
CA MET C 58 -6.77 -2.83 6.94
C MET C 58 -7.26 -1.70 7.85
N LYS C 59 -7.27 -0.46 7.32
CA LYS C 59 -7.68 0.74 8.03
C LYS C 59 -9.04 0.59 8.70
N LYS C 60 -10.04 0.04 8.00
CA LYS C 60 -11.38 -0.14 8.55
C LYS C 60 -11.42 -0.99 9.83
N LEU C 61 -10.41 -1.84 10.05
CA LEU C 61 -10.33 -2.74 11.18
C LEU C 61 -9.36 -2.24 12.26
N LYS C 62 -8.12 -1.97 11.87
CA LYS C 62 -7.07 -1.56 12.80
C LYS C 62 -7.03 -0.07 13.09
N LEU C 63 -7.55 0.78 12.19
CA LEU C 63 -7.56 2.23 12.33
C LEU C 63 -6.14 2.75 12.55
N ILE C 64 -5.38 2.78 11.45
CA ILE C 64 -3.99 3.19 11.37
C ILE C 64 -3.72 4.47 12.16
N SER C 65 -4.38 5.58 11.80
CA SER C 65 -4.25 6.88 12.43
C SER C 65 -5.39 7.79 11.94
N ARG C 9 -1.77 -20.51 -7.43
CA ARG C 9 -2.00 -19.57 -6.34
C ARG C 9 -1.44 -18.17 -6.63
N LYS C 10 -2.02 -17.50 -7.65
CA LYS C 10 -1.62 -16.17 -8.09
C LYS C 10 -2.25 -15.08 -7.20
N ARG C 11 -1.88 -15.08 -5.92
CA ARG C 11 -2.31 -14.13 -4.90
C ARG C 11 -1.04 -13.75 -4.13
N GLN C 12 -0.52 -12.55 -4.37
CA GLN C 12 0.70 -12.05 -3.75
C GLN C 12 0.41 -11.58 -2.33
N ALA C 13 0.60 -12.48 -1.35
CA ALA C 13 0.39 -12.21 0.07
C ALA C 13 1.31 -11.05 0.49
N TRP C 14 0.75 -10.01 1.11
CA TRP C 14 1.52 -8.84 1.53
C TRP C 14 2.21 -9.09 2.88
N LEU C 15 3.42 -8.52 3.04
CA LEU C 15 4.23 -8.57 4.24
C LEU C 15 4.76 -7.17 4.56
N TRP C 16 5.45 -6.99 5.69
CA TRP C 16 5.94 -5.66 6.05
C TRP C 16 6.85 -5.03 5.03
N GLU C 17 7.53 -5.74 4.13
CA GLU C 17 8.36 -5.03 3.18
C GLU C 17 7.47 -4.05 2.42
N GLU C 18 6.34 -4.55 1.90
CA GLU C 18 5.36 -3.78 1.18
C GLU C 18 4.60 -2.85 2.13
N ASP C 19 4.06 -3.35 3.25
CA ASP C 19 3.28 -2.51 4.17
C ASP C 19 4.09 -1.38 4.82
N LYS C 20 5.34 -1.65 5.18
CA LYS C 20 6.24 -0.69 5.80
C LYS C 20 6.59 0.39 4.76
N ASN C 21 6.96 -0.05 3.55
CA ASN C 21 7.27 0.84 2.43
C ASN C 21 6.04 1.72 2.12
N LEU C 22 4.86 1.10 2.05
CA LEU C 22 3.57 1.73 1.80
C LEU C 22 3.31 2.79 2.87
N ARG C 23 3.37 2.41 4.15
CA ARG C 23 3.16 3.31 5.28
C ARG C 23 4.05 4.54 5.15
N SER C 24 5.33 4.34 4.78
CA SER C 24 6.27 5.45 4.61
C SER C 24 5.74 6.40 3.52
N GLY C 25 5.36 5.85 2.36
CA GLY C 25 4.82 6.61 1.26
C GLY C 25 3.56 7.38 1.65
N VAL C 26 2.64 6.73 2.36
CA VAL C 26 1.40 7.33 2.83
C VAL C 26 1.69 8.44 3.83
N ARG C 27 2.63 8.26 4.75
CA ARG C 27 2.94 9.32 5.69
C ARG C 27 3.56 10.51 4.94
N LYS C 28 4.28 10.25 3.84
CA LYS C 28 4.91 11.27 3.02
C LYS C 28 3.93 12.07 2.13
N TYR C 29 3.01 11.39 1.42
CA TYR C 29 2.09 12.01 0.48
C TYR C 29 0.61 11.96 0.86
N GLY C 30 0.21 11.03 1.72
CA GLY C 30 -1.17 10.83 2.15
C GLY C 30 -1.81 9.71 1.34
N GLU C 31 -2.92 9.14 1.84
CA GLU C 31 -3.61 8.07 1.14
C GLU C 31 -4.24 8.64 -0.14
N GLY C 32 -4.52 7.77 -1.13
CA GLY C 32 -5.08 8.18 -2.40
C GLY C 32 -4.04 8.86 -3.29
N ASN C 33 -2.80 8.35 -3.24
CA ASN C 33 -1.67 8.83 -4.04
C ASN C 33 -0.83 7.61 -4.41
N TRP C 34 -1.48 6.49 -4.73
CA TRP C 34 -0.83 5.23 -5.07
C TRP C 34 0.11 5.40 -6.25
N SER C 35 -0.16 6.35 -7.16
CA SER C 35 0.69 6.64 -8.30
C SER C 35 2.06 7.12 -7.81
N LYS C 36 2.06 8.19 -7.02
CA LYS C 36 3.27 8.76 -6.44
C LYS C 36 4.01 7.69 -5.63
N ILE C 37 3.28 6.94 -4.80
CA ILE C 37 3.84 5.88 -3.98
C ILE C 37 4.49 4.82 -4.89
N LEU C 38 3.86 4.40 -5.99
CA LEU C 38 4.44 3.42 -6.91
C LEU C 38 5.77 3.92 -7.47
N LEU C 39 5.82 5.17 -7.92
CA LEU C 39 7.01 5.73 -8.52
C LEU C 39 8.16 5.90 -7.50
N HIS C 40 7.89 6.59 -6.39
CA HIS C 40 8.90 6.90 -5.38
C HIS C 40 9.20 5.72 -4.44
N TYR C 41 8.16 5.02 -3.97
CA TYR C 41 8.26 3.88 -3.05
C TYR C 41 7.84 2.61 -3.80
N LYS C 42 8.63 2.21 -4.80
CA LYS C 42 8.34 1.03 -5.62
C LYS C 42 8.21 -0.27 -4.81
N PHE C 43 7.50 -1.25 -5.40
CA PHE C 43 7.22 -2.57 -4.83
C PHE C 43 7.65 -3.64 -5.84
N ASN C 44 7.39 -4.91 -5.51
CA ASN C 44 7.70 -6.05 -6.37
C ASN C 44 6.83 -6.02 -7.63
N ASN C 45 5.51 -6.15 -7.47
CA ASN C 45 4.57 -6.16 -8.58
C ASN C 45 3.16 -5.80 -8.09
N ARG C 46 2.96 -4.52 -7.73
CA ARG C 46 1.72 -3.96 -7.22
C ARG C 46 1.21 -2.91 -8.22
N THR C 47 -0.05 -2.52 -8.07
CA THR C 47 -0.72 -1.53 -8.89
C THR C 47 -1.53 -0.61 -7.97
N SER C 48 -2.08 0.48 -8.52
CA SER C 48 -2.91 1.41 -7.78
C SER C 48 -4.07 0.64 -7.14
N VAL C 49 -4.62 -0.34 -7.86
CA VAL C 49 -5.72 -1.17 -7.37
C VAL C 49 -5.24 -2.01 -6.18
N MET C 50 -4.14 -2.75 -6.35
CA MET C 50 -3.63 -3.59 -5.26
C MET C 50 -3.36 -2.76 -4.00
N LEU C 51 -2.72 -1.59 -4.17
CA LEU C 51 -2.39 -0.67 -3.09
C LEU C 51 -3.66 -0.15 -2.41
N LYS C 52 -4.61 0.34 -3.21
CA LYS C 52 -5.89 0.85 -2.75
C LYS C 52 -6.58 -0.21 -1.88
N ASP C 53 -6.76 -1.42 -2.41
CA ASP C 53 -7.42 -2.50 -1.69
C ASP C 53 -6.67 -2.87 -0.42
N ARG C 54 -5.34 -3.02 -0.47
CA ARG C 54 -4.56 -3.37 0.72
C ARG C 54 -4.78 -2.34 1.81
N TRP C 55 -4.51 -1.06 1.53
CA TRP C 55 -4.66 0.00 2.50
C TRP C 55 -6.12 0.09 2.99
N ARG C 56 -7.08 -0.07 2.08
CA ARG C 56 -8.50 -0.01 2.42
C ARG C 56 -8.88 -1.10 3.42
N THR C 57 -8.51 -2.35 3.15
CA THR C 57 -8.79 -3.48 4.03
C THR C 57 -8.13 -3.24 5.39
N MET C 58 -6.83 -2.90 5.37
CA MET C 58 -6.07 -2.63 6.57
C MET C 58 -6.73 -1.51 7.39
N LYS C 59 -7.14 -0.43 6.74
CA LYS C 59 -7.78 0.72 7.37
C LYS C 59 -9.11 0.31 8.00
N LYS C 60 -9.97 -0.34 7.23
CA LYS C 60 -11.30 -0.75 7.65
C LYS C 60 -11.26 -1.73 8.84
N LEU C 61 -10.50 -2.82 8.70
CA LEU C 61 -10.44 -3.89 9.70
C LEU C 61 -9.31 -3.73 10.72
N LYS C 62 -8.06 -3.68 10.26
CA LYS C 62 -6.90 -3.61 11.14
C LYS C 62 -6.73 -2.27 11.85
N LEU C 63 -7.18 -1.17 11.23
CA LEU C 63 -7.11 0.19 11.76
C LEU C 63 -5.65 0.58 11.95
N ILE C 64 -4.97 0.76 10.81
CA ILE C 64 -3.58 1.16 10.58
C ILE C 64 -2.69 1.18 11.84
N SER C 65 -2.86 2.21 12.69
CA SER C 65 -2.13 2.46 13.92
C SER C 65 -0.64 2.66 13.68
N ARG C 9 -2.69 -17.32 -11.46
CA ARG C 9 -2.23 -15.97 -11.14
C ARG C 9 -1.23 -15.94 -9.98
N LYS C 10 -1.24 -16.95 -9.10
CA LYS C 10 -0.37 -17.08 -7.93
C LYS C 10 -0.68 -15.98 -6.92
N ARG C 11 -1.66 -16.23 -6.03
CA ARG C 11 -2.05 -15.27 -5.00
C ARG C 11 -0.86 -14.99 -4.07
N GLN C 12 -0.39 -13.75 -4.08
CA GLN C 12 0.73 -13.26 -3.28
C GLN C 12 0.19 -12.29 -2.23
N ALA C 13 -0.08 -12.79 -1.03
CA ALA C 13 -0.53 -11.96 0.06
C ALA C 13 0.55 -10.94 0.42
N TRP C 14 0.14 -9.80 0.97
CA TRP C 14 1.06 -8.75 1.36
C TRP C 14 1.86 -9.14 2.60
N LEU C 15 3.01 -8.49 2.80
CA LEU C 15 3.90 -8.76 3.91
C LEU C 15 4.85 -7.61 4.17
N TRP C 16 5.46 -7.66 5.35
CA TRP C 16 6.43 -6.77 5.89
C TRP C 16 6.87 -5.54 5.14
N GLU C 17 7.69 -5.76 4.13
CA GLU C 17 8.28 -4.66 3.38
C GLU C 17 7.21 -3.94 2.57
N GLU C 18 6.34 -4.69 1.88
CA GLU C 18 5.29 -4.06 1.11
C GLU C 18 4.38 -3.25 2.05
N ASP C 19 3.95 -3.86 3.16
CA ASP C 19 3.07 -3.20 4.13
C ASP C 19 3.73 -1.98 4.77
N LYS C 20 4.88 -2.17 5.41
CA LYS C 20 5.64 -1.13 6.10
C LYS C 20 5.94 0.03 5.15
N ASN C 21 6.47 -0.28 3.96
CA ASN C 21 6.81 0.73 2.97
C ASN C 21 5.55 1.46 2.51
N LEU C 22 4.46 0.74 2.20
CA LEU C 22 3.21 1.36 1.79
C LEU C 22 2.71 2.33 2.86
N ARG C 23 2.71 1.89 4.12
CA ARG C 23 2.30 2.68 5.27
C ARG C 23 3.09 4.00 5.27
N SER C 24 4.42 3.90 5.10
CA SER C 24 5.28 5.07 5.04
C SER C 24 4.84 5.95 3.87
N GLY C 25 4.64 5.35 2.69
CA GLY C 25 4.21 6.02 1.47
C GLY C 25 2.98 6.89 1.72
N VAL C 26 1.93 6.31 2.33
CA VAL C 26 0.71 7.04 2.64
C VAL C 26 1.02 8.18 3.61
N ARG C 27 1.82 7.92 4.65
CA ARG C 27 2.18 8.95 5.61
C ARG C 27 2.97 10.09 4.95
N LYS C 28 3.79 9.77 3.94
CA LYS C 28 4.63 10.71 3.21
C LYS C 28 3.87 11.58 2.21
N TYR C 29 3.12 10.95 1.30
CA TYR C 29 2.42 11.64 0.20
C TYR C 29 0.90 11.68 0.33
N GLY C 30 0.32 11.14 1.41
CA GLY C 30 -1.11 11.13 1.65
C GLY C 30 -1.83 10.03 0.88
N GLU C 31 -3.08 9.76 1.27
CA GLU C 31 -3.92 8.76 0.62
C GLU C 31 -4.37 9.32 -0.73
N GLY C 32 -4.63 8.45 -1.71
CA GLY C 32 -5.05 8.88 -3.05
C GLY C 32 -3.90 9.56 -3.76
N ASN C 33 -2.71 8.97 -3.67
CA ASN C 33 -1.49 9.45 -4.29
C ASN C 33 -0.61 8.23 -4.58
N TRP C 34 -1.26 7.14 -5.03
CA TRP C 34 -0.64 5.88 -5.35
C TRP C 34 0.37 6.04 -6.47
N SER C 35 0.16 6.99 -7.38
CA SER C 35 1.09 7.27 -8.46
C SER C 35 2.46 7.59 -7.87
N LYS C 36 2.53 8.62 -7.00
CA LYS C 36 3.78 9.02 -6.36
C LYS C 36 4.33 7.89 -5.50
N ILE C 37 3.49 7.31 -4.63
CA ILE C 37 3.91 6.22 -3.76
C ILE C 37 4.62 5.14 -4.56
N LEU C 38 3.98 4.65 -5.64
CA LEU C 38 4.51 3.62 -6.53
C LEU C 38 5.80 4.06 -7.21
N LEU C 39 5.88 5.33 -7.64
CA LEU C 39 7.06 5.84 -8.31
C LEU C 39 8.27 5.83 -7.37
N HIS C 40 8.14 6.50 -6.22
CA HIS C 40 9.21 6.60 -5.23
C HIS C 40 9.54 5.26 -4.59
N TYR C 41 8.52 4.57 -4.07
CA TYR C 41 8.63 3.29 -3.39
C TYR C 41 7.99 2.20 -4.25
N LYS C 42 8.81 1.28 -4.77
CA LYS C 42 8.33 0.19 -5.60
C LYS C 42 7.96 -1.01 -4.73
N PHE C 43 7.19 -1.94 -5.31
CA PHE C 43 6.69 -3.14 -4.65
C PHE C 43 6.85 -4.33 -5.61
N ASN C 44 6.24 -5.49 -5.31
CA ASN C 44 6.33 -6.66 -6.17
C ASN C 44 5.70 -6.36 -7.55
N ASN C 45 4.38 -6.22 -7.59
CA ASN C 45 3.58 -5.91 -8.78
C ASN C 45 2.29 -5.27 -8.27
N ARG C 46 2.42 -4.26 -7.42
CA ARG C 46 1.31 -3.59 -6.78
C ARG C 46 0.88 -2.36 -7.59
N THR C 47 -0.21 -2.51 -8.33
CA THR C 47 -0.82 -1.47 -9.15
C THR C 47 -1.54 -0.46 -8.25
N SER C 48 -2.10 0.60 -8.85
CA SER C 48 -2.88 1.60 -8.15
C SER C 48 -4.03 0.91 -7.40
N VAL C 49 -4.69 -0.04 -8.08
CA VAL C 49 -5.78 -0.83 -7.55
C VAL C 49 -5.30 -1.65 -6.35
N MET C 50 -4.20 -2.40 -6.50
CA MET C 50 -3.63 -3.21 -5.43
C MET C 50 -3.31 -2.35 -4.20
N LEU C 51 -2.60 -1.25 -4.41
CA LEU C 51 -2.19 -0.31 -3.37
C LEU C 51 -3.43 0.20 -2.61
N LYS C 52 -4.42 0.69 -3.37
CA LYS C 52 -5.66 1.20 -2.82
C LYS C 52 -6.36 0.15 -1.96
N ASP C 53 -6.59 -1.04 -2.52
CA ASP C 53 -7.29 -2.10 -1.80
C ASP C 53 -6.54 -2.54 -0.54
N ARG C 54 -5.21 -2.70 -0.61
CA ARG C 54 -4.46 -3.08 0.58
C ARG C 54 -4.65 -2.02 1.66
N TRP C 55 -4.44 -0.75 1.30
CA TRP C 55 -4.60 0.32 2.26
C TRP C 55 -6.04 0.37 2.78
N ARG C 56 -7.02 0.06 1.93
CA ARG C 56 -8.43 0.03 2.32
C ARG C 56 -8.62 -1.05 3.38
N THR C 57 -8.04 -2.23 3.20
CA THR C 57 -8.11 -3.31 4.16
C THR C 57 -7.49 -2.85 5.49
N MET C 58 -6.30 -2.26 5.43
CA MET C 58 -5.60 -1.77 6.62
C MET C 58 -6.47 -0.75 7.35
N LYS C 59 -6.96 0.25 6.61
CA LYS C 59 -7.83 1.32 7.07
C LYS C 59 -9.02 0.70 7.81
N LYS C 60 -9.71 -0.24 7.17
CA LYS C 60 -10.85 -0.94 7.72
C LYS C 60 -10.48 -1.69 9.01
N LEU C 61 -9.32 -2.36 9.00
CA LEU C 61 -8.84 -3.17 10.11
C LEU C 61 -8.55 -2.34 11.36
N LYS C 62 -7.63 -1.37 11.27
CA LYS C 62 -7.24 -0.55 12.40
C LYS C 62 -8.27 0.52 12.71
N LEU C 63 -8.79 1.18 11.67
CA LEU C 63 -9.74 2.29 11.71
C LEU C 63 -8.96 3.60 11.85
N ILE C 64 -8.42 4.08 10.72
CA ILE C 64 -7.67 5.32 10.61
C ILE C 64 -8.57 6.44 10.11
N SER C 65 -9.48 6.13 9.17
CA SER C 65 -10.41 7.10 8.60
C SER C 65 -11.16 7.87 9.69
N ARG C 9 -2.12 -21.12 -9.12
CA ARG C 9 -2.81 -20.72 -7.90
C ARG C 9 -1.79 -20.27 -6.85
N LYS C 10 -1.26 -19.06 -7.02
CA LYS C 10 -0.28 -18.48 -6.10
C LYS C 10 -0.36 -16.95 -6.18
N ARG C 11 -1.17 -16.32 -5.33
CA ARG C 11 -1.28 -14.88 -5.30
C ARG C 11 0.01 -14.28 -4.73
N GLN C 12 0.27 -13.01 -5.04
CA GLN C 12 1.45 -12.31 -4.58
C GLN C 12 1.22 -11.86 -3.13
N ALA C 13 1.41 -12.78 -2.17
CA ALA C 13 1.22 -12.47 -0.75
C ALA C 13 2.14 -11.31 -0.37
N TRP C 14 1.62 -10.36 0.41
CA TRP C 14 2.37 -9.19 0.84
C TRP C 14 3.28 -9.57 2.02
N LEU C 15 4.44 -8.90 2.10
CA LEU C 15 5.45 -9.08 3.11
C LEU C 15 5.58 -7.78 3.91
N TRP C 16 6.29 -7.79 5.05
CA TRP C 16 6.45 -6.57 5.83
C TRP C 16 6.91 -5.39 4.98
N GLU C 17 8.06 -5.45 4.32
CA GLU C 17 8.56 -4.38 3.47
C GLU C 17 7.46 -3.70 2.65
N GLU C 18 6.52 -4.46 2.07
CA GLU C 18 5.41 -3.89 1.33
C GLU C 18 4.43 -3.18 2.27
N ASP C 19 3.92 -3.84 3.31
CA ASP C 19 3.00 -3.23 4.29
C ASP C 19 3.63 -1.94 4.87
N LYS C 20 4.83 -2.13 5.42
CA LYS C 20 5.72 -1.16 6.04
C LYS C 20 5.90 0.03 5.09
N ASN C 21 6.23 -0.23 3.82
CA ASN C 21 6.43 0.77 2.77
C ASN C 21 5.13 1.55 2.55
N LEU C 22 4.02 0.86 2.25
CA LEU C 22 2.71 1.45 2.01
C LEU C 22 2.34 2.44 3.11
N ARG C 23 2.42 1.99 4.37
CA ARG C 23 2.13 2.80 5.54
C ARG C 23 3.00 4.07 5.51
N SER C 24 4.32 3.92 5.28
CA SER C 24 5.24 5.05 5.17
C SER C 24 4.79 6.01 4.07
N GLY C 25 4.44 5.46 2.90
CA GLY C 25 3.99 6.19 1.73
C GLY C 25 2.80 7.07 2.04
N VAL C 26 1.74 6.49 2.64
CA VAL C 26 0.54 7.22 3.00
C VAL C 26 0.89 8.34 3.98
N ARG C 27 1.65 8.05 5.03
CA ARG C 27 2.02 9.06 6.01
C ARG C 27 2.88 10.18 5.40
N LYS C 28 3.77 9.85 4.47
CA LYS C 28 4.69 10.80 3.84
C LYS C 28 4.07 11.66 2.74
N TYR C 29 3.22 11.08 1.88
CA TYR C 29 2.62 11.77 0.73
C TYR C 29 1.12 12.00 0.83
N GLY C 30 0.46 11.44 1.86
CA GLY C 30 -0.97 11.58 2.05
C GLY C 30 -1.72 10.44 1.35
N GLU C 31 -2.92 10.12 1.85
CA GLU C 31 -3.76 9.07 1.31
C GLU C 31 -4.22 9.41 -0.10
N GLY C 32 -4.53 8.38 -0.92
CA GLY C 32 -4.96 8.56 -2.30
C GLY C 32 -3.82 9.07 -3.17
N ASN C 33 -2.68 8.37 -3.13
CA ASN C 33 -1.47 8.69 -3.87
C ASN C 33 -0.72 7.39 -4.15
N TRP C 34 -1.44 6.39 -4.63
CA TRP C 34 -0.92 5.06 -4.90
C TRP C 34 0.11 5.08 -6.02
N SER C 35 -0.20 5.77 -7.12
CA SER C 35 0.70 5.93 -8.25
C SER C 35 1.98 6.60 -7.78
N LYS C 36 1.84 7.72 -7.05
CA LYS C 36 2.96 8.46 -6.53
C LYS C 36 3.82 7.51 -5.70
N ILE C 37 3.18 6.80 -4.76
CA ILE C 37 3.80 5.81 -3.89
C ILE C 37 4.59 4.79 -4.72
N LEU C 38 4.01 4.25 -5.80
CA LEU C 38 4.69 3.29 -6.66
C LEU C 38 5.97 3.89 -7.24
N LEU C 39 5.91 5.15 -7.68
CA LEU C 39 7.08 5.82 -8.25
C LEU C 39 8.16 6.00 -7.18
N HIS C 40 7.77 6.46 -5.98
CA HIS C 40 8.70 6.68 -4.88
C HIS C 40 9.34 5.37 -4.41
N TYR C 41 8.53 4.36 -4.12
CA TYR C 41 8.94 3.05 -3.62
C TYR C 41 8.16 1.95 -4.34
N LYS C 42 8.86 1.03 -5.02
CA LYS C 42 8.25 -0.06 -5.75
C LYS C 42 7.67 -1.15 -4.84
N PHE C 43 6.84 -2.02 -5.43
CA PHE C 43 6.15 -3.14 -4.80
C PHE C 43 6.28 -4.37 -5.70
N ASN C 44 5.87 -5.54 -5.19
CA ASN C 44 5.93 -6.80 -5.92
C ASN C 44 4.81 -6.87 -6.97
N ASN C 45 5.00 -6.14 -8.07
CA ASN C 45 4.11 -6.05 -9.22
C ASN C 45 2.67 -5.76 -8.77
N ARG C 46 2.43 -4.55 -8.26
CA ARG C 46 1.13 -4.11 -7.77
C ARG C 46 0.73 -2.80 -8.43
N THR C 47 -0.58 -2.54 -8.44
CA THR C 47 -1.21 -1.38 -9.05
C THR C 47 -1.84 -0.45 -8.02
N SER C 48 -2.35 0.68 -8.52
CA SER C 48 -3.08 1.66 -7.73
C SER C 48 -4.28 0.95 -7.08
N VAL C 49 -4.92 0.03 -7.81
CA VAL C 49 -6.05 -0.76 -7.33
C VAL C 49 -5.60 -1.59 -6.11
N MET C 50 -4.55 -2.41 -6.27
CA MET C 50 -4.02 -3.25 -5.19
C MET C 50 -3.79 -2.42 -3.92
N LEU C 51 -3.01 -1.34 -4.05
CA LEU C 51 -2.66 -0.44 -2.97
C LEU C 51 -3.90 0.14 -2.30
N LYS C 52 -4.83 0.69 -3.11
CA LYS C 52 -6.08 1.26 -2.65
C LYS C 52 -6.85 0.26 -1.80
N ASP C 53 -7.13 -0.92 -2.38
CA ASP C 53 -7.88 -1.98 -1.72
C ASP C 53 -7.25 -2.37 -0.40
N ARG C 54 -5.94 -2.63 -0.41
CA ARG C 54 -5.27 -3.01 0.82
C ARG C 54 -5.38 -1.93 1.89
N TRP C 55 -5.10 -0.67 1.56
CA TRP C 55 -5.16 0.38 2.56
C TRP C 55 -6.58 0.55 3.12
N ARG C 56 -7.62 0.49 2.28
CA ARG C 56 -8.97 0.63 2.80
C ARG C 56 -9.31 -0.54 3.73
N THR C 57 -8.95 -1.78 3.35
CA THR C 57 -9.17 -2.94 4.20
C THR C 57 -8.47 -2.74 5.55
N MET C 58 -7.18 -2.42 5.48
CA MET C 58 -6.34 -2.21 6.64
C MET C 58 -6.91 -1.14 7.56
N LYS C 59 -7.19 0.07 7.06
CA LYS C 59 -7.70 1.14 7.90
C LYS C 59 -9.06 0.79 8.51
N LYS C 60 -9.90 0.06 7.76
CA LYS C 60 -11.21 -0.34 8.25
C LYS C 60 -11.08 -1.29 9.45
N LEU C 61 -10.28 -2.36 9.30
CA LEU C 61 -10.10 -3.37 10.35
C LEU C 61 -9.18 -2.92 11.49
N LYS C 62 -8.01 -2.36 11.17
CA LYS C 62 -7.04 -1.88 12.14
C LYS C 62 -7.63 -0.70 12.93
N LEU C 63 -8.42 0.12 12.23
CA LEU C 63 -9.12 1.30 12.71
C LEU C 63 -8.26 2.55 12.67
N ILE C 64 -8.15 3.12 11.47
CA ILE C 64 -7.43 4.36 11.19
C ILE C 64 -8.39 5.22 10.33
N SER C 65 -8.42 6.52 10.61
CA SER C 65 -9.27 7.52 9.98
C SER C 65 -8.45 8.34 8.97
N ARG C 9 0.68 -20.65 -7.80
CA ARG C 9 -0.09 -20.28 -6.62
C ARG C 9 -0.68 -18.90 -6.90
N LYS C 10 -1.67 -18.45 -6.12
CA LYS C 10 -2.30 -17.15 -6.27
C LYS C 10 -2.44 -16.50 -4.89
N ARG C 11 -2.98 -15.27 -4.86
CA ARG C 11 -3.17 -14.48 -3.65
C ARG C 11 -1.82 -14.25 -2.97
N GLN C 12 -1.02 -13.35 -3.56
CA GLN C 12 0.31 -13.02 -3.08
C GLN C 12 0.23 -12.12 -1.84
N ALA C 13 0.14 -12.77 -0.67
CA ALA C 13 0.09 -12.15 0.64
C ALA C 13 1.17 -11.08 0.75
N TRP C 14 0.79 -9.86 1.13
CA TRP C 14 1.72 -8.75 1.26
C TRP C 14 2.74 -9.01 2.38
N LEU C 15 3.97 -8.54 2.17
CA LEU C 15 5.07 -8.64 3.11
C LEU C 15 5.21 -7.28 3.80
N TRP C 16 5.97 -7.20 4.92
CA TRP C 16 6.10 -5.89 5.54
C TRP C 16 6.78 -4.90 4.63
N GLU C 17 7.68 -5.30 3.71
CA GLU C 17 8.25 -4.26 2.85
C GLU C 17 7.12 -3.51 2.15
N GLU C 18 6.17 -4.25 1.58
CA GLU C 18 5.03 -3.65 0.92
C GLU C 18 4.17 -2.86 1.90
N ASP C 19 3.69 -3.49 3.00
CA ASP C 19 2.84 -2.83 3.99
C ASP C 19 3.51 -1.62 4.64
N LYS C 20 4.69 -1.84 5.24
CA LYS C 20 5.48 -0.85 5.94
C LYS C 20 5.70 0.33 4.99
N ASN C 21 6.15 0.06 3.76
CA ASN C 21 6.36 1.08 2.75
C ASN C 21 5.08 1.84 2.40
N LEU C 22 3.97 1.13 2.18
CA LEU C 22 2.69 1.72 1.82
C LEU C 22 2.25 2.71 2.89
N ARG C 23 2.19 2.25 4.13
CA ARG C 23 1.81 3.05 5.30
C ARG C 23 2.69 4.30 5.36
N SER C 24 4.01 4.11 5.25
CA SER C 24 4.96 5.22 5.24
C SER C 24 4.62 6.21 4.13
N GLY C 25 4.35 5.71 2.92
CA GLY C 25 4.00 6.49 1.74
C GLY C 25 2.77 7.34 1.98
N VAL C 26 1.71 6.73 2.50
CA VAL C 26 0.47 7.43 2.82
C VAL C 26 0.81 8.56 3.81
N ARG C 27 1.70 8.29 4.78
CA ARG C 27 2.10 9.33 5.73
C ARG C 27 2.94 10.42 5.07
N LYS C 28 3.71 10.09 4.03
CA LYS C 28 4.57 11.05 3.33
C LYS C 28 3.79 11.99 2.40
N TYR C 29 2.82 11.47 1.64
CA TYR C 29 2.09 12.25 0.65
C TYR C 29 0.59 12.39 0.87
N GLY C 30 0.00 11.64 1.82
CA GLY C 30 -1.42 11.67 2.10
C GLY C 30 -2.13 10.61 1.24
N GLU C 31 -3.37 10.26 1.58
CA GLU C 31 -4.12 9.27 0.82
C GLU C 31 -4.45 9.82 -0.57
N GLY C 32 -4.50 8.95 -1.58
CA GLY C 32 -4.81 9.34 -2.95
C GLY C 32 -3.57 9.85 -3.69
N ASN C 33 -2.43 9.18 -3.47
CA ASN C 33 -1.15 9.48 -4.11
C ASN C 33 -0.43 8.16 -4.38
N TRP C 34 -1.20 7.12 -4.74
CA TRP C 34 -0.67 5.79 -4.99
C TRP C 34 0.35 5.82 -6.13
N SER C 35 0.10 6.66 -7.14
CA SER C 35 1.00 6.87 -8.25
C SER C 35 2.38 7.28 -7.73
N LYS C 36 2.39 8.29 -6.84
CA LYS C 36 3.62 8.78 -6.25
C LYS C 36 4.30 7.69 -5.41
N ILE C 37 3.54 7.06 -4.51
CA ILE C 37 4.05 6.01 -3.63
C ILE C 37 4.75 4.92 -4.46
N LEU C 38 4.07 4.33 -5.45
CA LEU C 38 4.66 3.29 -6.29
C LEU C 38 5.79 3.82 -7.18
N LEU C 39 5.76 5.09 -7.59
CA LEU C 39 6.81 5.67 -8.42
C LEU C 39 8.10 5.81 -7.62
N HIS C 40 8.01 6.38 -6.42
CA HIS C 40 9.15 6.59 -5.53
C HIS C 40 9.70 5.28 -4.98
N TYR C 41 8.82 4.37 -4.59
CA TYR C 41 9.18 3.09 -3.99
C TYR C 41 8.98 1.93 -4.96
N LYS C 42 8.57 0.74 -4.46
CA LYS C 42 8.34 -0.44 -5.27
C LYS C 42 7.34 -1.38 -4.57
N PHE C 43 6.75 -2.30 -5.35
CA PHE C 43 5.80 -3.29 -4.89
C PHE C 43 5.86 -4.50 -5.83
N ASN C 44 5.25 -5.62 -5.41
CA ASN C 44 5.19 -6.86 -6.18
C ASN C 44 4.17 -6.73 -7.32
N ASN C 45 4.47 -5.89 -8.31
CA ASN C 45 3.65 -5.60 -9.48
C ASN C 45 2.20 -5.33 -9.07
N ARG C 46 1.99 -4.23 -8.33
CA ARG C 46 0.69 -3.84 -7.82
C ARG C 46 0.22 -2.53 -8.44
N THR C 47 -1.10 -2.35 -8.48
CA THR C 47 -1.79 -1.21 -9.05
C THR C 47 -2.27 -0.26 -7.97
N SER C 48 -2.75 0.92 -8.39
CA SER C 48 -3.33 1.92 -7.51
C SER C 48 -4.52 1.29 -6.75
N VAL C 49 -5.30 0.44 -7.45
CA VAL C 49 -6.43 -0.26 -6.86
C VAL C 49 -5.92 -1.17 -5.74
N MET C 50 -4.93 -2.02 -6.04
CA MET C 50 -4.34 -2.93 -5.04
C MET C 50 -3.87 -2.15 -3.81
N LEU C 51 -3.14 -1.06 -4.04
CA LEU C 51 -2.60 -0.19 -3.01
C LEU C 51 -3.70 0.33 -2.09
N LYS C 52 -4.74 0.94 -2.68
CA LYS C 52 -5.84 1.43 -1.87
C LYS C 52 -6.53 0.28 -1.12
N ASP C 53 -6.85 -0.80 -1.81
CA ASP C 53 -7.51 -1.96 -1.23
C ASP C 53 -6.78 -2.42 0.03
N ARG C 54 -5.45 -2.61 -0.06
CA ARG C 54 -4.65 -3.00 1.09
C ARG C 54 -4.80 -1.95 2.20
N TRP C 55 -4.70 -0.66 1.86
CA TRP C 55 -4.86 0.40 2.85
C TRP C 55 -6.24 0.39 3.49
N ARG C 56 -7.31 0.06 2.75
CA ARG C 56 -8.66 -0.03 3.27
C ARG C 56 -8.70 -1.13 4.31
N THR C 57 -8.13 -2.29 3.98
CA THR C 57 -8.05 -3.43 4.89
C THR C 57 -7.27 -3.02 6.14
N MET C 58 -6.12 -2.34 5.99
CA MET C 58 -5.30 -1.91 7.11
C MET C 58 -6.03 -0.94 8.02
N LYS C 59 -6.45 0.22 7.49
CA LYS C 59 -7.17 1.23 8.25
C LYS C 59 -8.37 0.64 8.98
N LYS C 60 -9.07 -0.32 8.36
CA LYS C 60 -10.20 -1.02 8.96
C LYS C 60 -9.72 -1.90 10.12
N LEU C 61 -8.74 -2.78 9.85
CA LEU C 61 -8.18 -3.73 10.79
C LEU C 61 -7.71 -3.04 12.08
N LYS C 62 -6.80 -2.07 11.97
CA LYS C 62 -6.32 -1.35 13.14
C LYS C 62 -7.43 -0.47 13.69
N LEU C 63 -8.24 0.11 12.79
CA LEU C 63 -9.33 1.02 13.08
C LEU C 63 -8.72 2.39 13.37
N ILE C 64 -8.18 3.01 12.32
CA ILE C 64 -7.56 4.33 12.41
C ILE C 64 -8.65 5.35 12.74
N SER C 65 -8.30 6.37 13.52
CA SER C 65 -9.20 7.42 13.99
C SER C 65 -9.63 8.37 12.86
N ARG C 9 -0.84 -21.70 -3.82
CA ARG C 9 -1.74 -22.06 -2.72
C ARG C 9 -1.54 -21.13 -1.52
N LYS C 10 -1.40 -19.82 -1.77
CA LYS C 10 -1.19 -18.81 -0.75
C LYS C 10 -1.28 -17.35 -1.26
N ARG C 11 -1.64 -17.11 -2.53
CA ARG C 11 -1.73 -15.77 -3.14
C ARG C 11 -0.42 -14.98 -3.05
N GLN C 12 -0.39 -13.77 -3.61
CA GLN C 12 0.77 -12.88 -3.56
C GLN C 12 0.64 -12.06 -2.28
N ALA C 13 0.77 -12.73 -1.13
CA ALA C 13 0.67 -12.11 0.18
C ALA C 13 1.70 -10.99 0.34
N TRP C 14 1.33 -9.94 1.08
CA TRP C 14 2.18 -8.78 1.31
C TRP C 14 3.28 -9.09 2.34
N LEU C 15 4.34 -8.28 2.31
CA LEU C 15 5.52 -8.34 3.20
C LEU C 15 5.86 -6.90 3.59
N TRP C 16 6.55 -6.69 4.72
CA TRP C 16 6.91 -5.35 5.20
C TRP C 16 7.62 -4.48 4.18
N GLU C 17 8.28 -4.99 3.14
CA GLU C 17 8.88 -4.04 2.22
C GLU C 17 7.73 -3.25 1.58
N GLU C 18 6.80 -3.99 0.98
CA GLU C 18 5.61 -3.43 0.38
C GLU C 18 4.80 -2.67 1.43
N ASP C 19 4.39 -3.38 2.50
CA ASP C 19 3.58 -2.82 3.58
C ASP C 19 4.20 -1.62 4.27
N LYS C 20 5.42 -1.78 4.81
CA LYS C 20 6.10 -0.71 5.52
C LYS C 20 6.29 0.49 4.61
N ASN C 21 6.78 0.29 3.37
CA ASN C 21 6.95 1.40 2.45
C ASN C 21 5.61 2.05 2.08
N LEU C 22 4.53 1.27 1.98
CA LEU C 22 3.19 1.77 1.67
C LEU C 22 2.69 2.67 2.80
N ARG C 23 2.76 2.18 4.04
CA ARG C 23 2.35 2.90 5.24
C ARG C 23 3.07 4.25 5.26
N SER C 24 4.40 4.22 5.12
CA SER C 24 5.21 5.43 5.09
C SER C 24 4.77 6.32 3.92
N GLY C 25 4.55 5.73 2.75
CA GLY C 25 4.12 6.40 1.54
C GLY C 25 2.86 7.23 1.76
N VAL C 26 1.78 6.60 2.26
CA VAL C 26 0.53 7.28 2.53
C VAL C 26 0.74 8.38 3.56
N ARG C 27 1.49 8.09 4.63
CA ARG C 27 1.74 9.07 5.68
C ARG C 27 2.60 10.26 5.21
N LYS C 28 3.47 10.04 4.23
CA LYS C 28 4.39 11.04 3.69
C LYS C 28 3.79 11.87 2.55
N TYR C 29 3.03 11.24 1.66
CA TYR C 29 2.47 11.86 0.46
C TYR C 29 0.94 12.00 0.45
N GLY C 30 0.26 11.44 1.46
CA GLY C 30 -1.20 11.48 1.60
C GLY C 30 -1.84 10.26 0.95
N GLU C 31 -3.14 10.05 1.21
CA GLU C 31 -3.90 8.95 0.64
C GLU C 31 -4.34 9.35 -0.77
N GLY C 32 -4.69 8.39 -1.63
CA GLY C 32 -5.08 8.68 -3.00
C GLY C 32 -3.88 9.26 -3.75
N ASN C 33 -2.75 8.57 -3.65
CA ASN C 33 -1.45 8.92 -4.23
C ASN C 33 -0.74 7.59 -4.50
N TRP C 34 -1.46 6.62 -5.07
CA TRP C 34 -0.95 5.27 -5.33
C TRP C 34 0.13 5.26 -6.40
N SER C 35 -0.11 5.95 -7.52
CA SER C 35 0.87 6.05 -8.60
C SER C 35 2.13 6.73 -8.07
N LYS C 36 1.94 7.84 -7.35
CA LYS C 36 3.00 8.61 -6.73
C LYS C 36 3.82 7.71 -5.80
N ILE C 37 3.15 6.99 -4.89
CA ILE C 37 3.79 6.07 -3.96
C ILE C 37 4.57 4.99 -4.74
N LEU C 38 3.97 4.43 -5.79
CA LEU C 38 4.60 3.42 -6.65
C LEU C 38 5.89 3.96 -7.24
N LEU C 39 5.92 5.23 -7.65
CA LEU C 39 7.11 5.86 -8.21
C LEU C 39 8.16 6.03 -7.11
N HIS C 40 7.75 6.48 -5.91
CA HIS C 40 8.67 6.67 -4.79
C HIS C 40 9.32 5.36 -4.32
N TYR C 41 8.49 4.38 -3.95
CA TYR C 41 8.93 3.08 -3.45
C TYR C 41 8.33 1.98 -4.33
N LYS C 42 9.16 0.98 -4.68
CA LYS C 42 8.75 -0.12 -5.54
C LYS C 42 8.00 -1.19 -4.75
N PHE C 43 7.37 -2.12 -5.48
CA PHE C 43 6.59 -3.23 -4.97
C PHE C 43 6.78 -4.45 -5.88
N ASN C 44 6.16 -5.59 -5.51
CA ASN C 44 6.24 -6.82 -6.30
C ASN C 44 5.51 -6.61 -7.62
N ASN C 45 4.18 -6.43 -7.55
CA ASN C 45 3.30 -6.21 -8.69
C ASN C 45 1.97 -5.71 -8.11
N ARG C 46 2.00 -4.47 -7.61
CA ARG C 46 0.85 -3.84 -6.97
C ARG C 46 0.33 -2.67 -7.82
N THR C 47 -0.87 -2.83 -8.36
CA THR C 47 -1.54 -1.81 -9.16
C THR C 47 -2.06 -0.73 -8.22
N SER C 48 -2.51 0.41 -8.77
CA SER C 48 -3.07 1.50 -7.99
C SER C 48 -4.26 0.96 -7.17
N VAL C 49 -5.09 0.12 -7.82
CA VAL C 49 -6.23 -0.54 -7.21
C VAL C 49 -5.75 -1.34 -5.99
N MET C 50 -4.80 -2.26 -6.20
CA MET C 50 -4.22 -3.11 -5.17
C MET C 50 -3.63 -2.31 -4.00
N LEU C 51 -2.89 -1.25 -4.29
CA LEU C 51 -2.29 -0.40 -3.26
C LEU C 51 -3.39 0.19 -2.39
N LYS C 52 -4.47 0.69 -3.02
CA LYS C 52 -5.58 1.25 -2.31
C LYS C 52 -6.27 0.16 -1.49
N ASP C 53 -6.51 -1.02 -2.07
CA ASP C 53 -7.16 -2.15 -1.39
C ASP C 53 -6.43 -2.49 -0.11
N ARG C 54 -5.11 -2.67 -0.19
CA ARG C 54 -4.31 -3.00 0.98
C ARG C 54 -4.50 -1.95 2.06
N TRP C 55 -4.28 -0.67 1.72
CA TRP C 55 -4.45 0.40 2.69
C TRP C 55 -5.88 0.47 3.25
N ARG C 56 -6.89 0.20 2.42
CA ARG C 56 -8.30 0.22 2.80
C ARG C 56 -8.52 -0.83 3.89
N THR C 57 -8.17 -2.09 3.61
CA THR C 57 -8.32 -3.18 4.57
C THR C 57 -7.55 -2.86 5.86
N MET C 58 -6.30 -2.42 5.72
CA MET C 58 -5.41 -2.06 6.83
C MET C 58 -6.05 -1.01 7.73
N LYS C 59 -6.28 0.19 7.20
CA LYS C 59 -6.86 1.29 7.96
C LYS C 59 -8.23 0.96 8.53
N LYS C 60 -9.03 0.16 7.81
CA LYS C 60 -10.37 -0.21 8.25
C LYS C 60 -10.33 -1.10 9.50
N LEU C 61 -9.59 -2.21 9.45
CA LEU C 61 -9.56 -3.18 10.55
C LEU C 61 -8.47 -2.93 11.59
N LYS C 62 -7.21 -2.76 11.15
CA LYS C 62 -6.09 -2.59 12.07
C LYS C 62 -5.97 -1.13 12.53
N LEU C 63 -6.31 -0.19 11.64
CA LEU C 63 -6.27 1.24 11.89
C LEU C 63 -4.86 1.70 12.24
N ILE C 64 -4.02 1.76 11.20
CA ILE C 64 -2.64 2.20 11.31
C ILE C 64 -2.57 3.70 11.58
N SER C 65 -2.60 4.04 12.86
CA SER C 65 -2.55 5.40 13.37
C SER C 65 -1.08 5.86 13.41
N ARG C 9 -2.93 -20.17 -8.15
CA ARG C 9 -2.09 -20.29 -6.97
C ARG C 9 -0.95 -19.29 -7.10
N LYS C 10 -1.19 -18.04 -6.66
CA LYS C 10 -0.20 -16.96 -6.71
C LYS C 10 -0.63 -15.66 -6.02
N ARG C 11 -1.64 -15.66 -5.14
CA ARG C 11 -2.02 -14.43 -4.46
C ARG C 11 -0.84 -13.99 -3.59
N GLN C 12 -0.29 -12.80 -3.86
CA GLN C 12 0.86 -12.31 -3.13
C GLN C 12 0.42 -11.68 -1.81
N ALA C 13 0.30 -12.51 -0.76
CA ALA C 13 -0.06 -12.06 0.57
C ALA C 13 0.93 -10.95 0.95
N TRP C 14 0.44 -9.76 1.33
CA TRP C 14 1.34 -8.67 1.65
C TRP C 14 2.15 -9.03 2.90
N LEU C 15 3.44 -8.73 2.84
CA LEU C 15 4.43 -8.98 3.88
C LEU C 15 4.86 -7.66 4.51
N TRP C 16 5.68 -7.73 5.57
CA TRP C 16 6.16 -6.54 6.27
C TRP C 16 6.68 -5.50 5.29
N GLU C 17 7.58 -5.84 4.35
CA GLU C 17 8.19 -4.84 3.50
C GLU C 17 7.20 -4.14 2.57
N GLU C 18 6.17 -4.86 2.10
CA GLU C 18 5.14 -4.28 1.26
C GLU C 18 4.31 -3.31 2.11
N ASP C 19 3.85 -3.74 3.29
CA ASP C 19 3.06 -2.91 4.21
C ASP C 19 3.89 -1.76 4.79
N LYS C 20 5.18 -2.01 5.01
CA LYS C 20 6.20 -1.11 5.53
C LYS C 20 6.31 0.04 4.52
N ASN C 21 6.53 -0.33 3.26
CA ASN C 21 6.64 0.57 2.13
C ASN C 21 5.36 1.38 2.00
N LEU C 22 4.21 0.70 1.94
CA LEU C 22 2.89 1.29 1.82
C LEU C 22 2.68 2.39 2.88
N ARG C 23 2.85 2.01 4.16
CA ARG C 23 2.69 2.88 5.31
C ARG C 23 3.60 4.10 5.20
N SER C 24 4.90 3.87 4.93
CA SER C 24 5.88 4.94 4.78
C SER C 24 5.41 5.93 3.71
N GLY C 25 5.06 5.40 2.54
CA GLY C 25 4.58 6.15 1.40
C GLY C 25 3.39 7.03 1.79
N VAL C 26 2.30 6.41 2.26
CA VAL C 26 1.08 7.11 2.65
C VAL C 26 1.38 8.23 3.66
N ARG C 27 2.16 7.95 4.71
CA ARG C 27 2.47 8.96 5.71
C ARG C 27 3.29 10.12 5.13
N LYS C 28 4.22 9.84 4.20
CA LYS C 28 5.07 10.86 3.60
C LYS C 28 4.41 11.69 2.50
N TYR C 29 3.61 11.07 1.63
CA TYR C 29 2.99 11.73 0.48
C TYR C 29 1.47 11.84 0.55
N GLY C 30 0.85 11.41 1.66
CA GLY C 30 -0.59 11.48 1.83
C GLY C 30 -1.32 10.31 1.16
N GLU C 31 -2.51 10.00 1.67
CA GLU C 31 -3.35 8.93 1.14
C GLU C 31 -4.04 9.43 -0.14
N GLY C 32 -4.47 8.50 -0.99
CA GLY C 32 -5.14 8.82 -2.24
C GLY C 32 -4.20 9.40 -3.29
N ASN C 33 -2.89 9.18 -3.12
CA ASN C 33 -1.84 9.64 -4.02
C ASN C 33 -0.99 8.42 -4.35
N TRP C 34 -1.63 7.34 -4.82
CA TRP C 34 -0.95 6.10 -5.15
C TRP C 34 0.06 6.34 -6.27
N SER C 35 -0.15 7.35 -7.12
CA SER C 35 0.81 7.73 -8.15
C SER C 35 2.15 8.02 -7.47
N LYS C 36 2.13 8.83 -6.41
CA LYS C 36 3.33 9.18 -5.65
C LYS C 36 3.89 7.93 -4.99
N ILE C 37 3.04 7.15 -4.30
CA ILE C 37 3.49 5.94 -3.63
C ILE C 37 4.26 5.00 -4.57
N LEU C 38 3.65 4.60 -5.69
CA LEU C 38 4.26 3.71 -6.66
C LEU C 38 5.46 4.35 -7.38
N LEU C 39 5.44 5.67 -7.60
CA LEU C 39 6.54 6.36 -8.27
C LEU C 39 7.78 6.33 -7.39
N HIS C 40 7.62 6.72 -6.12
CA HIS C 40 8.72 6.78 -5.17
C HIS C 40 9.21 5.40 -4.74
N TYR C 41 8.31 4.42 -4.61
CA TYR C 41 8.68 3.08 -4.18
C TYR C 41 8.00 1.98 -4.99
N LYS C 42 8.78 0.97 -5.40
CA LYS C 42 8.30 -0.18 -6.14
C LYS C 42 7.84 -1.24 -5.13
N PHE C 43 6.84 -2.04 -5.53
CA PHE C 43 6.25 -3.12 -4.73
C PHE C 43 6.34 -4.41 -5.54
N ASN C 44 5.75 -5.52 -5.06
CA ASN C 44 5.78 -6.80 -5.78
C ASN C 44 5.18 -6.63 -7.18
N ASN C 45 3.87 -6.32 -7.23
CA ASN C 45 3.10 -6.10 -8.44
C ASN C 45 1.74 -5.55 -7.97
N ARG C 46 1.78 -4.36 -7.34
CA ARG C 46 0.63 -3.72 -6.75
C ARG C 46 0.19 -2.50 -7.58
N THR C 47 -1.00 -2.57 -8.17
CA THR C 47 -1.59 -1.49 -8.94
C THR C 47 -2.13 -0.43 -7.98
N SER C 48 -2.58 0.72 -8.52
CA SER C 48 -3.19 1.77 -7.71
C SER C 48 -4.37 1.19 -6.92
N VAL C 49 -5.19 0.37 -7.59
CA VAL C 49 -6.32 -0.30 -6.98
C VAL C 49 -5.82 -1.20 -5.85
N MET C 50 -4.77 -1.98 -6.09
CA MET C 50 -4.20 -2.89 -5.11
C MET C 50 -3.72 -2.16 -3.86
N LEU C 51 -2.87 -1.14 -4.05
CA LEU C 51 -2.29 -0.31 -2.99
C LEU C 51 -3.42 0.23 -2.12
N LYS C 52 -4.38 0.89 -2.77
CA LYS C 52 -5.54 1.47 -2.12
C LYS C 52 -6.34 0.42 -1.35
N ASP C 53 -6.67 -0.70 -2.00
CA ASP C 53 -7.48 -1.76 -1.40
C ASP C 53 -6.82 -2.36 -0.16
N ARG C 54 -5.51 -2.63 -0.23
CA ARG C 54 -4.77 -3.17 0.90
C ARG C 54 -4.92 -2.17 2.07
N TRP C 55 -4.57 -0.90 1.82
CA TRP C 55 -4.67 0.14 2.83
C TRP C 55 -6.10 0.30 3.33
N ARG C 56 -7.10 0.10 2.46
CA ARG C 56 -8.51 0.22 2.79
C ARG C 56 -8.90 -0.85 3.81
N THR C 57 -8.70 -2.14 3.48
CA THR C 57 -9.02 -3.24 4.38
C THR C 57 -8.29 -3.06 5.71
N MET C 58 -6.97 -2.85 5.62
CA MET C 58 -6.10 -2.65 6.76
C MET C 58 -6.62 -1.51 7.65
N LYS C 59 -6.88 -0.33 7.08
CA LYS C 59 -7.35 0.83 7.82
C LYS C 59 -8.72 0.57 8.46
N LYS C 60 -9.68 0.03 7.70
CA LYS C 60 -11.01 -0.26 8.20
C LYS C 60 -10.99 -1.18 9.42
N LEU C 61 -10.26 -2.29 9.35
CA LEU C 61 -10.20 -3.26 10.43
C LEU C 61 -9.23 -2.86 11.56
N LYS C 62 -7.99 -2.54 11.20
CA LYS C 62 -6.93 -2.22 12.15
C LYS C 62 -7.12 -0.85 12.83
N LEU C 63 -7.57 0.15 12.06
CA LEU C 63 -7.79 1.51 12.55
C LEU C 63 -6.44 2.11 12.94
N ILE C 64 -5.58 2.27 11.94
CA ILE C 64 -4.23 2.78 12.12
C ILE C 64 -4.22 4.22 12.67
N SER C 65 -3.15 4.56 13.39
CA SER C 65 -2.94 5.87 13.99
C SER C 65 -3.97 6.20 15.07
N ARG C 9 0.28 -19.37 -5.19
CA ARG C 9 0.38 -19.54 -6.63
C ARG C 9 0.10 -18.19 -7.29
N LYS C 10 -0.94 -17.49 -6.82
CA LYS C 10 -1.39 -16.19 -7.30
C LYS C 10 -1.41 -15.15 -6.18
N ARG C 11 -1.81 -15.53 -4.96
CA ARG C 11 -1.91 -14.58 -3.86
C ARG C 11 -0.56 -14.00 -3.41
N GLN C 12 -0.30 -12.76 -3.81
CA GLN C 12 0.88 -12.00 -3.46
C GLN C 12 0.63 -11.48 -2.03
N ALA C 13 0.84 -12.35 -1.04
CA ALA C 13 0.64 -12.03 0.37
C ALA C 13 1.49 -10.83 0.76
N TRP C 14 0.88 -9.81 1.37
CA TRP C 14 1.61 -8.61 1.77
C TRP C 14 2.51 -8.88 2.98
N LEU C 15 3.65 -8.20 3.02
CA LEU C 15 4.68 -8.27 4.05
C LEU C 15 5.15 -6.85 4.35
N TRP C 16 5.90 -6.64 5.46
CA TRP C 16 6.37 -5.31 5.86
C TRP C 16 7.15 -4.57 4.78
N GLU C 17 7.75 -5.22 3.78
CA GLU C 17 8.43 -4.41 2.78
C GLU C 17 7.37 -3.53 2.11
N GLU C 18 6.34 -4.18 1.58
CA GLU C 18 5.23 -3.49 0.94
C GLU C 18 4.46 -2.65 1.97
N ASP C 19 3.97 -3.27 3.05
CA ASP C 19 3.17 -2.59 4.08
C ASP C 19 3.90 -1.43 4.75
N LYS C 20 5.14 -1.63 5.18
CA LYS C 20 5.91 -0.60 5.87
C LYS C 20 6.19 0.56 4.89
N ASN C 21 6.58 0.24 3.64
CA ASN C 21 6.82 1.26 2.63
C ASN C 21 5.54 2.07 2.37
N LEU C 22 4.44 1.35 2.15
CA LEU C 22 3.12 1.90 1.88
C LEU C 22 2.73 2.86 2.99
N ARG C 23 2.81 2.41 4.25
CA ARG C 23 2.52 3.21 5.43
C ARG C 23 3.30 4.51 5.35
N SER C 24 4.62 4.42 5.12
CA SER C 24 5.49 5.57 5.02
C SER C 24 5.05 6.50 3.88
N GLY C 25 4.65 5.93 2.74
CA GLY C 25 4.19 6.68 1.59
C GLY C 25 2.94 7.50 1.91
N VAL C 26 1.90 6.84 2.42
CA VAL C 26 0.66 7.49 2.79
C VAL C 26 0.95 8.55 3.85
N ARG C 27 1.84 8.27 4.82
CA ARG C 27 2.19 9.24 5.84
C ARG C 27 2.85 10.48 5.21
N LYS C 28 3.71 10.30 4.21
CA LYS C 28 4.40 11.40 3.55
C LYS C 28 3.49 12.23 2.65
N TYR C 29 2.88 11.61 1.64
CA TYR C 29 2.09 12.27 0.60
C TYR C 29 0.59 12.31 0.85
N GLY C 30 0.09 11.56 1.83
CA GLY C 30 -1.34 11.47 2.11
C GLY C 30 -1.92 10.36 1.25
N GLU C 31 -3.15 9.95 1.55
CA GLU C 31 -3.82 8.90 0.78
C GLU C 31 -4.16 9.40 -0.62
N GLY C 32 -4.51 8.51 -1.54
CA GLY C 32 -4.84 8.86 -2.90
C GLY C 32 -3.63 9.39 -3.66
N ASN C 33 -2.46 8.78 -3.41
CA ASN C 33 -1.19 9.10 -4.04
C ASN C 33 -0.53 7.78 -4.46
N TRP C 34 -1.33 6.81 -4.90
CA TRP C 34 -0.83 5.50 -5.28
C TRP C 34 0.20 5.58 -6.41
N SER C 35 -0.01 6.47 -7.39
CA SER C 35 0.94 6.65 -8.48
C SER C 35 2.31 7.05 -7.91
N LYS C 36 2.34 8.10 -7.09
CA LYS C 36 3.57 8.57 -6.46
C LYS C 36 4.21 7.44 -5.66
N ILE C 37 3.42 6.78 -4.81
CA ILE C 37 3.83 5.68 -3.96
C ILE C 37 4.48 4.57 -4.79
N LEU C 38 3.88 4.18 -5.92
CA LEU C 38 4.41 3.17 -6.83
C LEU C 38 5.79 3.58 -7.34
N LEU C 39 5.96 4.86 -7.71
CA LEU C 39 7.22 5.35 -8.22
C LEU C 39 8.29 5.36 -7.12
N HIS C 40 7.99 5.93 -5.96
CA HIS C 40 8.93 6.02 -4.84
C HIS C 40 9.33 4.63 -4.33
N TYR C 41 8.34 3.83 -3.92
CA TYR C 41 8.54 2.50 -3.38
C TYR C 41 8.24 1.51 -4.50
N LYS C 42 9.29 0.89 -5.05
CA LYS C 42 9.17 -0.05 -6.15
C LYS C 42 8.81 -1.44 -5.61
N PHE C 43 7.51 -1.68 -5.41
CA PHE C 43 6.94 -2.92 -4.91
C PHE C 43 7.23 -4.09 -5.86
N ASN C 44 6.92 -5.32 -5.41
CA ASN C 44 7.12 -6.54 -6.19
C ASN C 44 6.33 -6.47 -7.50
N ASN C 45 5.01 -6.36 -7.40
CA ASN C 45 4.10 -6.29 -8.55
C ASN C 45 2.79 -5.69 -8.06
N ARG C 46 2.76 -4.37 -7.88
CA ARG C 46 1.59 -3.64 -7.38
C ARG C 46 1.10 -2.60 -8.38
N THR C 47 -0.14 -2.15 -8.15
CA THR C 47 -0.88 -1.18 -8.92
C THR C 47 -1.73 -0.35 -7.97
N SER C 48 -2.35 0.71 -8.50
CA SER C 48 -3.25 1.57 -7.74
C SER C 48 -4.33 0.72 -7.09
N VAL C 49 -4.87 -0.24 -7.84
CA VAL C 49 -5.89 -1.19 -7.39
C VAL C 49 -5.38 -1.94 -6.17
N MET C 50 -4.27 -2.69 -6.32
CA MET C 50 -3.70 -3.48 -5.24
C MET C 50 -3.48 -2.64 -3.97
N LEU C 51 -2.82 -1.48 -4.12
CA LEU C 51 -2.51 -0.57 -3.02
C LEU C 51 -3.77 -0.11 -2.31
N LYS C 52 -4.76 0.39 -3.06
CA LYS C 52 -6.03 0.83 -2.51
C LYS C 52 -6.63 -0.29 -1.68
N ASP C 53 -6.81 -1.46 -2.29
CA ASP C 53 -7.43 -2.62 -1.66
C ASP C 53 -6.78 -2.95 -0.33
N ARG C 54 -5.46 -3.12 -0.31
CA ARG C 54 -4.74 -3.44 0.92
C ARG C 54 -5.00 -2.39 2.00
N TRP C 55 -4.75 -1.12 1.66
CA TRP C 55 -4.93 -0.01 2.58
C TRP C 55 -6.38 0.14 3.04
N ARG C 56 -7.33 -0.17 2.16
CA ARG C 56 -8.76 -0.11 2.41
C ARG C 56 -9.12 -1.17 3.44
N THR C 57 -8.59 -2.40 3.28
CA THR C 57 -8.80 -3.47 4.25
C THR C 57 -8.25 -2.99 5.60
N MET C 58 -7.02 -2.46 5.62
CA MET C 58 -6.40 -1.95 6.83
C MET C 58 -7.28 -0.89 7.51
N LYS C 59 -7.76 0.09 6.74
CA LYS C 59 -8.63 1.15 7.24
C LYS C 59 -9.88 0.57 7.90
N LYS C 60 -10.53 -0.40 7.26
CA LYS C 60 -11.74 -1.02 7.82
C LYS C 60 -11.40 -1.90 9.03
N LEU C 61 -10.23 -2.55 9.02
CA LEU C 61 -9.76 -3.47 10.05
C LEU C 61 -9.27 -2.74 11.31
N LYS C 62 -8.11 -2.09 11.22
CA LYS C 62 -7.47 -1.40 12.34
C LYS C 62 -7.77 0.09 12.35
N LEU C 63 -7.97 0.70 11.19
CA LEU C 63 -8.25 2.11 11.04
C LEU C 63 -7.00 2.95 11.31
N ILE C 64 -6.14 3.02 10.28
CA ILE C 64 -4.89 3.77 10.31
C ILE C 64 -5.21 5.18 9.82
N SER C 65 -5.60 6.04 10.78
CA SER C 65 -5.99 7.42 10.60
C SER C 65 -4.92 8.26 9.90
N ARG C 9 -2.91 -21.26 -6.97
CA ARG C 9 -1.89 -20.31 -7.37
C ARG C 9 -1.70 -19.42 -6.14
N LYS C 10 -0.91 -19.92 -5.17
CA LYS C 10 -0.68 -19.24 -3.90
C LYS C 10 -0.43 -17.74 -4.07
N ARG C 11 -1.45 -16.96 -3.71
CA ARG C 11 -1.45 -15.50 -3.79
C ARG C 11 -0.30 -14.91 -2.99
N GLN C 12 0.20 -13.75 -3.42
CA GLN C 12 1.28 -13.07 -2.76
C GLN C 12 0.75 -12.18 -1.64
N ALA C 13 0.46 -12.79 -0.48
CA ALA C 13 -0.02 -12.06 0.69
C ALA C 13 1.03 -10.99 1.00
N TRP C 14 0.59 -9.76 1.31
CA TRP C 14 1.54 -8.69 1.56
C TRP C 14 2.43 -9.00 2.76
N LEU C 15 3.72 -8.69 2.59
CA LEU C 15 4.77 -8.89 3.57
C LEU C 15 4.91 -7.58 4.37
N TRP C 16 5.49 -7.66 5.58
CA TRP C 16 5.67 -6.46 6.40
C TRP C 16 6.36 -5.40 5.57
N GLU C 17 7.45 -5.72 4.84
CA GLU C 17 8.18 -4.71 4.11
C GLU C 17 7.31 -3.96 3.09
N GLU C 18 6.34 -4.63 2.46
CA GLU C 18 5.43 -3.95 1.54
C GLU C 18 4.52 -3.01 2.34
N ASP C 19 3.89 -3.51 3.41
CA ASP C 19 2.98 -2.70 4.25
C ASP C 19 3.71 -1.54 4.95
N LYS C 20 4.94 -1.81 5.38
CA LYS C 20 5.89 -0.97 6.08
C LYS C 20 6.24 0.17 5.12
N ASN C 21 6.70 -0.19 3.91
CA ASN C 21 7.04 0.73 2.84
C ASN C 21 5.82 1.58 2.49
N LEU C 22 4.66 0.94 2.36
CA LEU C 22 3.40 1.60 2.04
C LEU C 22 3.07 2.64 3.10
N ARG C 23 3.18 2.28 4.39
CA ARG C 23 2.90 3.20 5.48
C ARG C 23 3.81 4.42 5.38
N SER C 24 5.11 4.20 5.08
CA SER C 24 6.06 5.29 4.89
C SER C 24 5.60 6.20 3.74
N GLY C 25 5.26 5.59 2.60
CA GLY C 25 4.80 6.28 1.41
C GLY C 25 3.57 7.14 1.70
N VAL C 26 2.53 6.56 2.31
CA VAL C 26 1.30 7.27 2.62
C VAL C 26 1.53 8.36 3.67
N ARG C 27 2.34 8.16 4.71
CA ARG C 27 2.54 9.27 5.65
C ARG C 27 3.24 10.43 4.93
N LYS C 28 4.13 10.12 3.97
CA LYS C 28 4.85 11.12 3.20
C LYS C 28 4.06 11.80 2.07
N TYR C 29 3.13 11.09 1.40
CA TYR C 29 2.37 11.62 0.26
C TYR C 29 0.85 11.69 0.49
N GLY C 30 0.31 10.82 1.34
CA GLY C 30 -1.12 10.74 1.64
C GLY C 30 -1.83 9.81 0.66
N GLU C 31 -3.01 9.29 1.02
CA GLU C 31 -3.78 8.42 0.14
C GLU C 31 -4.22 9.19 -1.12
N GLY C 32 -4.54 8.47 -2.19
CA GLY C 32 -4.93 9.05 -3.46
C GLY C 32 -3.69 9.58 -4.20
N ASN C 33 -2.61 8.78 -4.15
CA ASN C 33 -1.31 9.04 -4.75
C ASN C 33 -0.66 7.67 -4.93
N TRP C 34 -1.43 6.67 -5.38
CA TRP C 34 -0.98 5.29 -5.50
C TRP C 34 0.01 5.08 -6.62
N SER C 35 -0.32 5.44 -7.86
CA SER C 35 0.62 5.28 -8.97
C SER C 35 1.91 6.07 -8.68
N LYS C 36 1.75 7.23 -8.04
CA LYS C 36 2.85 8.09 -7.63
C LYS C 36 3.72 7.31 -6.63
N ILE C 37 3.09 6.79 -5.56
CA ILE C 37 3.76 5.99 -4.53
C ILE C 37 4.45 4.78 -5.18
N LEU C 38 3.86 4.19 -6.22
CA LEU C 38 4.42 3.05 -6.95
C LEU C 38 5.73 3.50 -7.63
N LEU C 39 5.74 4.70 -8.21
CA LEU C 39 6.92 5.23 -8.87
C LEU C 39 8.01 5.54 -7.83
N HIS C 40 7.63 6.22 -6.74
CA HIS C 40 8.55 6.61 -5.67
C HIS C 40 9.12 5.42 -4.89
N TYR C 41 8.29 4.40 -4.65
CA TYR C 41 8.65 3.20 -3.90
C TYR C 41 8.19 1.95 -4.64
N LYS C 42 9.10 1.00 -4.86
CA LYS C 42 8.80 -0.24 -5.57
C LYS C 42 8.22 -1.29 -4.61
N PHE C 43 7.15 -1.96 -5.03
CA PHE C 43 6.45 -3.03 -4.31
C PHE C 43 6.38 -4.24 -5.24
N ASN C 44 5.69 -5.32 -4.85
CA ASN C 44 5.56 -6.51 -5.70
C ASN C 44 4.53 -6.27 -6.81
N ASN C 45 4.81 -5.31 -7.69
CA ASN C 45 3.98 -4.91 -8.83
C ASN C 45 2.55 -4.63 -8.36
N ARG C 46 2.42 -3.84 -7.29
CA ARG C 46 1.15 -3.46 -6.69
C ARG C 46 0.58 -2.28 -7.47
N THR C 47 -0.53 -2.52 -8.18
CA THR C 47 -1.22 -1.52 -8.99
C THR C 47 -1.84 -0.43 -8.11
N SER C 48 -2.34 0.65 -8.73
CA SER C 48 -3.02 1.74 -8.03
C SER C 48 -4.16 1.14 -7.19
N VAL C 49 -4.93 0.24 -7.82
CA VAL C 49 -6.04 -0.47 -7.20
C VAL C 49 -5.53 -1.34 -6.05
N MET C 50 -4.47 -2.13 -6.30
CA MET C 50 -3.90 -3.05 -5.31
C MET C 50 -3.48 -2.29 -4.05
N LEU C 51 -2.72 -1.21 -4.23
CA LEU C 51 -2.25 -0.33 -3.17
C LEU C 51 -3.44 0.21 -2.38
N LYS C 52 -4.41 0.80 -3.10
CA LYS C 52 -5.61 1.37 -2.52
C LYS C 52 -6.35 0.36 -1.64
N ASP C 53 -6.71 -0.80 -2.21
CA ASP C 53 -7.45 -1.82 -1.51
C ASP C 53 -6.69 -2.32 -0.27
N ARG C 54 -5.39 -2.55 -0.40
CA ARG C 54 -4.61 -3.00 0.75
C ARG C 54 -4.71 -1.95 1.86
N TRP C 55 -4.42 -0.68 1.55
CA TRP C 55 -4.51 0.40 2.52
C TRP C 55 -5.90 0.47 3.15
N ARG C 56 -6.93 0.30 2.34
CA ARG C 56 -8.33 0.30 2.77
C ARG C 56 -8.52 -0.80 3.82
N THR C 57 -8.03 -2.01 3.55
CA THR C 57 -8.10 -3.15 4.46
C THR C 57 -7.36 -2.85 5.76
N MET C 58 -6.17 -2.24 5.68
CA MET C 58 -5.38 -1.89 6.87
C MET C 58 -6.19 -0.93 7.74
N LYS C 59 -6.71 0.15 7.16
CA LYS C 59 -7.50 1.13 7.89
C LYS C 59 -8.79 0.49 8.43
N LYS C 60 -9.41 -0.42 7.67
CA LYS C 60 -10.60 -1.14 8.09
C LYS C 60 -10.28 -1.86 9.41
N LEU C 61 -9.08 -2.45 9.49
CA LEU C 61 -8.59 -3.14 10.68
C LEU C 61 -7.99 -2.14 11.70
N LYS C 62 -8.39 -0.86 11.61
CA LYS C 62 -7.98 0.26 12.44
C LYS C 62 -6.46 0.38 12.59
N LEU C 63 -5.70 0.16 11.51
CA LEU C 63 -4.24 0.25 11.58
C LEU C 63 -3.75 1.69 11.43
N ILE C 64 -4.45 2.53 10.68
CA ILE C 64 -4.10 3.93 10.46
C ILE C 64 -5.36 4.78 10.59
N SER C 65 -5.51 5.48 11.72
CA SER C 65 -6.66 6.33 11.98
C SER C 65 -6.32 7.28 13.13
N ARG C 9 -0.51 -15.76 -12.99
CA ARG C 9 -1.27 -14.72 -12.30
C ARG C 9 -1.75 -15.24 -10.94
N LYS C 10 -0.81 -15.47 -10.02
CA LYS C 10 -1.11 -15.96 -8.68
C LYS C 10 -0.96 -14.83 -7.68
N ARG C 11 -1.85 -14.82 -6.68
CA ARG C 11 -1.88 -13.86 -5.58
C ARG C 11 -0.57 -13.93 -4.80
N GLN C 12 -0.04 -12.77 -4.40
CA GLN C 12 1.20 -12.69 -3.65
C GLN C 12 0.90 -12.12 -2.27
N ALA C 13 1.07 -12.94 -1.22
CA ALA C 13 0.85 -12.52 0.15
C ALA C 13 1.85 -11.40 0.48
N TRP C 14 1.36 -10.32 1.07
CA TRP C 14 2.17 -9.16 1.42
C TRP C 14 3.01 -9.45 2.67
N LEU C 15 4.04 -8.62 2.90
CA LEU C 15 4.98 -8.72 4.01
C LEU C 15 5.52 -7.31 4.27
N TRP C 16 6.25 -7.08 5.39
CA TRP C 16 6.79 -5.78 5.75
C TRP C 16 7.39 -5.01 4.60
N GLU C 17 8.08 -5.64 3.65
CA GLU C 17 8.64 -4.84 2.58
C GLU C 17 7.54 -3.99 1.93
N GLU C 18 6.47 -4.64 1.50
CA GLU C 18 5.33 -3.98 0.89
C GLU C 18 4.50 -3.21 1.93
N ASP C 19 4.10 -3.85 3.04
CA ASP C 19 3.30 -3.21 4.08
C ASP C 19 3.97 -1.95 4.63
N LYS C 20 5.25 -2.03 4.95
CA LYS C 20 6.04 -0.93 5.49
C LYS C 20 6.13 0.16 4.42
N ASN C 21 6.49 -0.22 3.18
CA ASN C 21 6.59 0.74 2.08
C ASN C 21 5.28 1.53 1.89
N LEU C 22 4.16 0.80 1.82
CA LEU C 22 2.83 1.36 1.64
C LEU C 22 2.48 2.30 2.79
N ARG C 23 2.62 1.83 4.03
CA ARG C 23 2.33 2.64 5.21
C ARG C 23 3.14 3.93 5.17
N SER C 24 4.43 3.83 4.86
CA SER C 24 5.32 4.99 4.76
C SER C 24 4.82 5.93 3.67
N GLY C 25 4.46 5.39 2.50
CA GLY C 25 3.96 6.13 1.36
C GLY C 25 2.75 6.97 1.74
N VAL C 26 1.71 6.33 2.27
CA VAL C 26 0.50 7.03 2.68
C VAL C 26 0.83 8.03 3.79
N ARG C 27 1.66 7.63 4.77
CA ARG C 27 2.03 8.52 5.85
C ARG C 27 2.67 9.82 5.33
N LYS C 28 3.53 9.68 4.31
CA LYS C 28 4.26 10.79 3.72
C LYS C 28 3.42 11.68 2.81
N TYR C 29 2.75 11.09 1.81
CA TYR C 29 2.02 11.84 0.81
C TYR C 29 0.49 11.86 1.02
N GLY C 30 -0.05 10.78 1.58
CA GLY C 30 -1.50 10.63 1.81
C GLY C 30 -2.11 9.71 0.76
N GLU C 31 -3.39 9.36 0.92
CA GLU C 31 -4.10 8.53 -0.04
C GLU C 31 -4.29 9.29 -1.36
N GLY C 32 -4.74 8.56 -2.39
CA GLY C 32 -4.94 9.13 -3.71
C GLY C 32 -3.63 9.53 -4.37
N ASN C 33 -2.55 8.81 -4.04
CA ASN C 33 -1.21 9.01 -4.56
C ASN C 33 -0.58 7.62 -4.81
N TRP C 34 -1.40 6.61 -5.12
CA TRP C 34 -0.96 5.23 -5.30
C TRP C 34 0.11 5.08 -6.38
N SER C 35 -0.14 5.63 -7.57
CA SER C 35 0.80 5.62 -8.69
C SER C 35 2.14 6.21 -8.21
N LYS C 36 2.07 7.34 -7.50
CA LYS C 36 3.24 8.03 -7.01
C LYS C 36 3.98 7.15 -6.01
N ILE C 37 3.27 6.55 -5.06
CA ILE C 37 3.80 5.65 -4.05
C ILE C 37 4.52 4.49 -4.75
N LEU C 38 3.94 3.96 -5.83
CA LEU C 38 4.53 2.89 -6.63
C LEU C 38 5.89 3.37 -7.15
N LEU C 39 5.95 4.59 -7.69
CA LEU C 39 7.22 5.14 -8.19
C LEU C 39 8.23 5.35 -7.06
N HIS C 40 7.80 5.87 -5.92
CA HIS C 40 8.70 6.11 -4.79
C HIS C 40 9.23 4.79 -4.23
N TYR C 41 8.32 3.96 -3.73
CA TYR C 41 8.57 2.67 -3.09
C TYR C 41 8.17 1.54 -4.03
N LYS C 42 9.05 0.56 -4.22
CA LYS C 42 8.80 -0.56 -5.11
C LYS C 42 7.92 -1.61 -4.42
N PHE C 43 7.28 -2.43 -5.25
CA PHE C 43 6.37 -3.51 -4.88
C PHE C 43 6.43 -4.60 -5.95
N ASN C 44 5.80 -5.74 -5.68
CA ASN C 44 5.74 -6.88 -6.59
C ASN C 44 4.69 -6.62 -7.69
N ASN C 45 4.94 -5.62 -8.53
CA ASN C 45 4.07 -5.22 -9.63
C ASN C 45 2.64 -4.85 -9.17
N ARG C 46 2.54 -4.19 -8.01
CA ARG C 46 1.25 -3.76 -7.46
C ARG C 46 0.82 -2.48 -8.17
N THR C 47 -0.38 -2.50 -8.74
CA THR C 47 -0.96 -1.36 -9.43
C THR C 47 -1.59 -0.40 -8.42
N SER C 48 -2.01 0.78 -8.89
CA SER C 48 -2.72 1.75 -8.06
C SER C 48 -3.92 1.05 -7.42
N VAL C 49 -4.61 0.20 -8.20
CA VAL C 49 -5.75 -0.58 -7.75
C VAL C 49 -5.37 -1.40 -6.53
N MET C 50 -4.33 -2.24 -6.65
CA MET C 50 -3.92 -3.09 -5.52
C MET C 50 -3.61 -2.28 -4.26
N LEU C 51 -2.72 -1.28 -4.38
CA LEU C 51 -2.31 -0.43 -3.26
C LEU C 51 -3.53 0.22 -2.60
N LYS C 52 -4.39 0.84 -3.40
CA LYS C 52 -5.60 1.52 -3.00
C LYS C 52 -6.54 0.58 -2.24
N ASP C 53 -6.96 -0.52 -2.90
CA ASP C 53 -7.89 -1.47 -2.30
C ASP C 53 -7.34 -2.14 -1.06
N ARG C 54 -6.03 -2.42 -1.04
CA ARG C 54 -5.43 -3.03 0.12
C ARG C 54 -5.51 -2.05 1.29
N TRP C 55 -5.14 -0.79 1.07
CA TRP C 55 -5.21 0.21 2.12
C TRP C 55 -6.65 0.34 2.61
N ARG C 56 -7.63 0.33 1.70
CA ARG C 56 -9.05 0.41 2.03
C ARG C 56 -9.46 -0.76 2.93
N THR C 57 -9.37 -2.00 2.44
CA THR C 57 -9.76 -3.18 3.20
C THR C 57 -9.09 -3.19 4.58
N MET C 58 -7.77 -2.95 4.61
CA MET C 58 -7.05 -2.94 5.86
C MET C 58 -7.50 -1.84 6.81
N LYS C 59 -7.48 -0.56 6.39
CA LYS C 59 -7.87 0.53 7.28
C LYS C 59 -9.29 0.35 7.83
N LYS C 60 -10.18 -0.23 7.02
CA LYS C 60 -11.55 -0.49 7.42
C LYS C 60 -11.64 -1.67 8.40
N LEU C 61 -10.87 -2.75 8.17
CA LEU C 61 -10.92 -3.96 8.97
C LEU C 61 -9.88 -4.04 10.10
N LYS C 62 -8.58 -4.03 9.76
CA LYS C 62 -7.51 -4.17 10.75
C LYS C 62 -7.25 -2.85 11.46
N LEU C 63 -7.22 -1.77 10.69
CA LEU C 63 -7.03 -0.40 11.13
C LEU C 63 -5.55 -0.06 11.34
N ILE C 64 -4.89 0.22 10.22
CA ILE C 64 -3.49 0.62 10.21
C ILE C 64 -3.39 2.02 10.82
N SER C 65 -2.61 2.17 11.90
CA SER C 65 -2.42 3.44 12.55
C SER C 65 -1.53 4.35 11.70
N ARG C 9 -2.92 -19.98 -10.06
CA ARG C 9 -3.10 -18.56 -9.77
C ARG C 9 -2.96 -18.29 -8.27
N LYS C 10 -1.92 -18.87 -7.64
CA LYS C 10 -1.68 -18.66 -6.22
C LYS C 10 -1.25 -17.21 -6.02
N ARG C 11 -2.15 -16.41 -5.45
CA ARG C 11 -1.95 -15.01 -5.16
C ARG C 11 -0.96 -14.84 -4.00
N GLN C 12 -0.55 -13.60 -3.71
CA GLN C 12 0.39 -13.32 -2.62
C GLN C 12 -0.04 -12.11 -1.82
N ALA C 13 -0.49 -12.35 -0.59
CA ALA C 13 -0.91 -11.30 0.34
C ALA C 13 0.26 -10.39 0.67
N TRP C 14 -0.05 -9.19 1.16
CA TRP C 14 0.97 -8.23 1.52
C TRP C 14 1.62 -8.60 2.86
N LEU C 15 2.93 -8.37 2.96
CA LEU C 15 3.75 -8.63 4.14
C LEU C 15 4.34 -7.30 4.60
N TRP C 16 5.18 -7.30 5.64
CA TRP C 16 5.81 -6.08 6.14
C TRP C 16 6.55 -5.34 5.04
N GLU C 17 7.11 -6.05 4.07
CA GLU C 17 7.83 -5.34 3.02
C GLU C 17 6.87 -4.38 2.34
N GLU C 18 5.86 -4.92 1.66
CA GLU C 18 4.89 -4.10 0.96
C GLU C 18 4.12 -3.17 1.89
N ASP C 19 3.58 -3.68 3.01
CA ASP C 19 2.81 -2.91 3.97
C ASP C 19 3.59 -1.81 4.68
N LYS C 20 4.78 -2.14 5.22
CA LYS C 20 5.58 -1.17 5.95
C LYS C 20 6.02 -0.08 4.96
N ASN C 21 6.41 -0.49 3.73
CA ASN C 21 6.78 0.42 2.67
C ASN C 21 5.59 1.34 2.36
N LEU C 22 4.39 0.77 2.20
CA LEU C 22 3.17 1.52 1.92
C LEU C 22 2.89 2.53 3.02
N ARG C 23 3.07 2.15 4.29
CA ARG C 23 2.86 3.05 5.41
C ARG C 23 3.77 4.27 5.24
N SER C 24 5.06 4.02 4.95
CA SER C 24 6.02 5.08 4.71
C SER C 24 5.53 5.96 3.55
N GLY C 25 5.08 5.32 2.46
CA GLY C 25 4.54 5.98 1.28
C GLY C 25 3.42 6.97 1.64
N VAL C 26 2.38 6.49 2.32
CA VAL C 26 1.25 7.30 2.73
C VAL C 26 1.70 8.43 3.65
N ARG C 27 2.57 8.15 4.62
CA ARG C 27 3.05 9.16 5.55
C ARG C 27 3.84 10.27 4.83
N LYS C 28 4.69 9.89 3.89
CA LYS C 28 5.55 10.80 3.12
C LYS C 28 4.83 11.60 2.04
N TYR C 29 3.94 10.95 1.29
CA TYR C 29 3.28 11.55 0.13
C TYR C 29 1.77 11.79 0.24
N GLY C 30 1.12 11.32 1.31
CA GLY C 30 -0.30 11.52 1.56
C GLY C 30 -1.18 10.39 0.99
N GLU C 31 -2.27 10.07 1.70
CA GLU C 31 -3.22 9.05 1.31
C GLU C 31 -3.95 9.49 0.04
N GLY C 32 -4.30 8.54 -0.82
CA GLY C 32 -5.01 8.80 -2.07
C GLY C 32 -4.07 9.36 -3.16
N ASN C 33 -2.85 8.81 -3.25
CA ASN C 33 -1.84 9.20 -4.22
C ASN C 33 -1.01 7.94 -4.50
N TRP C 34 -1.68 6.86 -4.90
CA TRP C 34 -1.06 5.57 -5.13
C TRP C 34 -0.05 5.60 -6.28
N SER C 35 -0.29 6.43 -7.29
CA SER C 35 0.62 6.57 -8.42
C SER C 35 1.91 7.21 -7.91
N LYS C 36 1.77 8.33 -7.21
CA LYS C 36 2.86 9.09 -6.61
C LYS C 36 3.70 8.14 -5.75
N ILE C 37 3.04 7.47 -4.79
CA ILE C 37 3.66 6.51 -3.90
C ILE C 37 4.38 5.41 -4.70
N LEU C 38 3.71 4.79 -5.67
CA LEU C 38 4.26 3.74 -6.52
C LEU C 38 5.52 4.20 -7.26
N LEU C 39 5.55 5.46 -7.70
CA LEU C 39 6.70 6.00 -8.42
C LEU C 39 7.88 6.17 -7.46
N HIS C 40 7.65 6.80 -6.30
CA HIS C 40 8.69 7.01 -5.31
C HIS C 40 9.22 5.68 -4.77
N TYR C 41 8.32 4.89 -4.20
CA TYR C 41 8.59 3.58 -3.61
C TYR C 41 8.03 2.50 -4.53
N LYS C 42 8.88 1.57 -4.98
CA LYS C 42 8.44 0.45 -5.80
C LYS C 42 8.01 -0.66 -4.84
N PHE C 43 7.09 -1.53 -5.28
CA PHE C 43 6.56 -2.63 -4.48
C PHE C 43 6.65 -3.95 -5.23
N ASN C 44 6.44 -5.03 -4.48
CA ASN C 44 6.45 -6.40 -4.96
C ASN C 44 5.22 -6.66 -5.83
N ASN C 45 5.28 -6.20 -7.09
CA ASN C 45 4.26 -6.37 -8.11
C ASN C 45 2.88 -5.87 -7.68
N ARG C 46 2.79 -4.60 -7.25
CA ARG C 46 1.54 -3.97 -6.81
C ARG C 46 1.25 -2.75 -7.69
N THR C 47 0.00 -2.64 -8.16
CA THR C 47 -0.52 -1.56 -8.99
C THR C 47 -1.25 -0.53 -8.15
N SER C 48 -1.77 0.53 -8.79
CA SER C 48 -2.56 1.56 -8.13
C SER C 48 -3.74 0.87 -7.41
N VAL C 49 -4.42 -0.03 -8.12
CA VAL C 49 -5.54 -0.80 -7.60
C VAL C 49 -5.10 -1.58 -6.36
N MET C 50 -3.97 -2.30 -6.43
CA MET C 50 -3.48 -3.07 -5.30
C MET C 50 -3.17 -2.19 -4.08
N LEU C 51 -2.40 -1.11 -4.27
CA LEU C 51 -2.03 -0.19 -3.21
C LEU C 51 -3.29 0.34 -2.52
N LYS C 52 -4.18 0.92 -3.32
CA LYS C 52 -5.45 1.47 -2.86
C LYS C 52 -6.23 0.43 -2.06
N ASP C 53 -6.53 -0.71 -2.70
CA ASP C 53 -7.32 -1.75 -2.08
C ASP C 53 -6.69 -2.25 -0.77
N ARG C 54 -5.37 -2.43 -0.74
CA ARG C 54 -4.70 -2.89 0.47
C ARG C 54 -4.95 -1.89 1.60
N TRP C 55 -4.69 -0.60 1.36
CA TRP C 55 -4.89 0.41 2.38
C TRP C 55 -6.36 0.49 2.78
N ARG C 56 -7.29 0.36 1.81
CA ARG C 56 -8.72 0.39 2.04
C ARG C 56 -9.08 -0.74 3.02
N THR C 57 -8.67 -1.97 2.73
CA THR C 57 -8.89 -3.15 3.55
C THR C 57 -8.31 -2.94 4.95
N MET C 58 -6.99 -2.72 5.02
CA MET C 58 -6.21 -2.51 6.22
C MET C 58 -6.87 -1.47 7.13
N LYS C 59 -7.15 -0.28 6.58
CA LYS C 59 -7.76 0.84 7.28
C LYS C 59 -9.16 0.46 7.77
N LYS C 60 -10.06 0.05 6.86
CA LYS C 60 -11.42 -0.33 7.19
C LYS C 60 -11.49 -1.37 8.32
N LEU C 61 -10.66 -2.42 8.25
CA LEU C 61 -10.67 -3.51 9.22
C LEU C 61 -9.90 -3.22 10.50
N LYS C 62 -8.60 -2.90 10.42
CA LYS C 62 -7.74 -2.69 11.58
C LYS C 62 -7.74 -1.26 12.13
N LEU C 63 -8.18 -0.27 11.36
CA LEU C 63 -8.23 1.13 11.77
C LEU C 63 -6.84 1.66 12.17
N ILE C 64 -6.03 1.96 11.15
CA ILE C 64 -4.69 2.50 11.29
C ILE C 64 -4.73 3.73 12.21
N SER C 65 -5.68 4.64 11.94
CA SER C 65 -5.90 5.85 12.70
C SER C 65 -7.30 6.38 12.36
N ARG C 9 2.50 -23.46 -4.63
CA ARG C 9 2.70 -22.09 -4.21
C ARG C 9 1.36 -21.60 -3.64
N LYS C 10 1.34 -20.34 -3.20
CA LYS C 10 0.17 -19.66 -2.67
C LYS C 10 0.13 -18.27 -3.31
N ARG C 11 -0.94 -17.51 -3.09
CA ARG C 11 -1.07 -16.16 -3.59
C ARG C 11 0.14 -15.34 -3.17
N GLN C 12 0.56 -14.39 -4.02
CA GLN C 12 1.70 -13.54 -3.77
C GLN C 12 1.24 -12.38 -2.88
N ALA C 13 0.89 -12.75 -1.64
CA ALA C 13 0.42 -11.87 -0.58
C ALA C 13 1.42 -10.77 -0.28
N TRP C 14 1.00 -9.77 0.48
CA TRP C 14 1.86 -8.66 0.82
C TRP C 14 2.84 -9.04 1.92
N LEU C 15 4.09 -8.65 1.72
CA LEU C 15 5.18 -8.86 2.67
C LEU C 15 5.26 -7.64 3.57
N TRP C 16 6.03 -7.71 4.67
CA TRP C 16 6.18 -6.55 5.54
C TRP C 16 6.66 -5.38 4.70
N GLU C 17 7.78 -5.48 3.99
CA GLU C 17 8.30 -4.36 3.22
C GLU C 17 7.22 -3.72 2.35
N GLU C 18 6.30 -4.49 1.77
CA GLU C 18 5.22 -3.91 0.99
C GLU C 18 4.27 -3.11 1.90
N ASP C 19 3.66 -3.74 2.92
CA ASP C 19 2.75 -3.05 3.85
C ASP C 19 3.48 -1.89 4.56
N LYS C 20 4.57 -2.23 5.23
CA LYS C 20 5.49 -1.37 5.97
C LYS C 20 5.84 -0.12 5.14
N ASN C 21 6.37 -0.32 3.92
CA ASN C 21 6.77 0.79 3.06
C ASN C 21 5.54 1.56 2.56
N LEU C 22 4.44 0.87 2.23
CA LEU C 22 3.20 1.52 1.81
C LEU C 22 2.74 2.49 2.91
N ARG C 23 2.76 2.04 4.17
CA ARG C 23 2.40 2.84 5.33
C ARG C 23 3.27 4.10 5.37
N SER C 24 4.58 3.92 5.21
CA SER C 24 5.55 5.01 5.16
C SER C 24 5.23 5.96 3.99
N GLY C 25 4.77 5.41 2.86
CA GLY C 25 4.40 6.14 1.66
C GLY C 25 3.19 7.03 1.91
N VAL C 26 2.09 6.46 2.40
CA VAL C 26 0.88 7.21 2.70
C VAL C 26 1.20 8.31 3.71
N ARG C 27 1.99 7.99 4.75
CA ARG C 27 2.37 8.95 5.77
C ARG C 27 3.05 10.19 5.18
N LYS C 28 4.06 9.99 4.33
CA LYS C 28 4.81 11.10 3.74
C LYS C 28 4.14 11.79 2.55
N TYR C 29 3.49 11.04 1.65
CA TYR C 29 2.92 11.54 0.41
C TYR C 29 1.41 11.84 0.48
N GLY C 30 0.68 11.19 1.39
CA GLY C 30 -0.76 11.37 1.57
C GLY C 30 -1.55 10.17 1.05
N GLU C 31 -2.75 9.95 1.62
CA GLU C 31 -3.63 8.86 1.22
C GLU C 31 -4.27 9.22 -0.12
N GLY C 32 -4.65 8.21 -0.90
CA GLY C 32 -5.28 8.40 -2.20
C GLY C 32 -4.31 8.94 -3.23
N ASN C 33 -3.01 8.63 -3.08
CA ASN C 33 -1.95 9.07 -3.98
C ASN C 33 -1.12 7.83 -4.33
N TRP C 34 -1.80 6.80 -4.83
CA TRP C 34 -1.19 5.54 -5.20
C TRP C 34 -0.17 5.74 -6.32
N SER C 35 -0.34 6.78 -7.14
CA SER C 35 0.59 7.13 -8.20
C SER C 35 1.93 7.50 -7.58
N LYS C 36 1.92 8.52 -6.70
CA LYS C 36 3.11 8.98 -5.99
C LYS C 36 3.79 7.78 -5.32
N ILE C 37 3.03 7.10 -4.46
CA ILE C 37 3.50 5.94 -3.71
C ILE C 37 4.16 4.90 -4.62
N LEU C 38 3.51 4.52 -5.71
CA LEU C 38 4.03 3.54 -6.67
C LEU C 38 5.35 4.02 -7.29
N LEU C 39 5.45 5.30 -7.63
CA LEU C 39 6.64 5.86 -8.25
C LEU C 39 7.81 5.86 -7.25
N HIS C 40 7.57 6.39 -6.04
CA HIS C 40 8.58 6.47 -4.99
C HIS C 40 9.03 5.09 -4.53
N TYR C 41 8.06 4.21 -4.25
CA TYR C 41 8.26 2.86 -3.75
C TYR C 41 7.60 1.83 -4.66
N LYS C 42 8.41 0.92 -5.21
CA LYS C 42 7.93 -0.15 -6.06
C LYS C 42 7.44 -1.31 -5.18
N PHE C 43 6.71 -2.24 -5.78
CA PHE C 43 6.13 -3.40 -5.11
C PHE C 43 6.22 -4.62 -6.04
N ASN C 44 5.75 -5.78 -5.58
CA ASN C 44 5.78 -7.01 -6.37
C ASN C 44 5.11 -6.82 -7.74
N ASN C 45 3.82 -6.45 -7.71
CA ASN C 45 2.97 -6.23 -8.88
C ASN C 45 1.72 -5.45 -8.46
N ARG C 46 1.89 -4.49 -7.54
CA ARG C 46 0.77 -3.73 -7.00
C ARG C 46 0.46 -2.50 -7.84
N THR C 47 -0.73 -2.50 -8.42
CA THR C 47 -1.29 -1.43 -9.23
C THR C 47 -1.97 -0.41 -8.32
N SER C 48 -2.49 0.68 -8.90
CA SER C 48 -3.23 1.70 -8.16
C SER C 48 -4.40 1.02 -7.44
N VAL C 49 -5.06 0.08 -8.15
CA VAL C 49 -6.18 -0.70 -7.64
C VAL C 49 -5.73 -1.52 -6.43
N MET C 50 -4.65 -2.30 -6.56
CA MET C 50 -4.12 -3.11 -5.47
C MET C 50 -3.84 -2.25 -4.25
N LEU C 51 -3.10 -1.15 -4.43
CA LEU C 51 -2.75 -0.22 -3.37
C LEU C 51 -4.02 0.29 -2.66
N LYS C 52 -4.97 0.78 -3.44
CA LYS C 52 -6.25 1.28 -2.98
C LYS C 52 -6.99 0.25 -2.11
N ASP C 53 -7.33 -0.92 -2.68
CA ASP C 53 -8.07 -1.94 -1.96
C ASP C 53 -7.31 -2.50 -0.75
N ARG C 54 -5.99 -2.69 -0.87
CA ARG C 54 -5.18 -3.19 0.24
C ARG C 54 -5.23 -2.19 1.39
N TRP C 55 -5.06 -0.89 1.10
CA TRP C 55 -5.10 0.12 2.13
C TRP C 55 -6.48 0.14 2.80
N ARG C 56 -7.54 0.02 1.98
CA ARG C 56 -8.90 -0.03 2.47
C ARG C 56 -9.04 -1.21 3.45
N THR C 57 -8.57 -2.39 3.06
CA THR C 57 -8.60 -3.58 3.92
C THR C 57 -7.83 -3.31 5.21
N MET C 58 -6.66 -2.67 5.13
CA MET C 58 -5.86 -2.37 6.30
C MET C 58 -6.67 -1.50 7.28
N LYS C 59 -7.21 -0.39 6.76
CA LYS C 59 -8.02 0.55 7.54
C LYS C 59 -9.33 -0.08 8.06
N LYS C 60 -9.87 -1.10 7.37
CA LYS C 60 -11.11 -1.81 7.70
C LYS C 60 -11.30 -1.97 9.21
N LEU C 61 -10.23 -2.35 9.92
CA LEU C 61 -10.23 -2.49 11.36
C LEU C 61 -10.09 -1.06 11.89
N LYS C 62 -8.91 -0.67 12.38
CA LYS C 62 -8.58 0.67 12.86
C LYS C 62 -7.06 0.82 12.77
N LEU C 63 -6.44 0.27 11.71
CA LEU C 63 -5.00 0.30 11.55
C LEU C 63 -4.45 1.70 11.23
N ILE C 64 -5.29 2.61 10.73
CA ILE C 64 -4.97 3.99 10.42
C ILE C 64 -6.24 4.80 10.73
N SER C 65 -6.09 6.12 10.94
CA SER C 65 -7.19 7.02 11.20
C SER C 65 -8.24 6.89 10.09
N ARG C 9 -1.68 -16.40 -11.89
CA ARG C 9 -2.61 -16.29 -10.77
C ARG C 9 -1.97 -16.93 -9.55
N LYS C 10 -1.65 -16.10 -8.55
CA LYS C 10 -1.01 -16.49 -7.32
C LYS C 10 -1.21 -15.36 -6.32
N ARG C 11 -1.74 -15.65 -5.13
CA ARG C 11 -1.97 -14.61 -4.13
C ARG C 11 -0.64 -14.26 -3.48
N GLN C 12 -0.13 -13.06 -3.80
CA GLN C 12 1.12 -12.58 -3.25
C GLN C 12 0.80 -11.86 -1.96
N ALA C 13 0.75 -12.58 -0.84
CA ALA C 13 0.50 -11.99 0.47
C ALA C 13 1.50 -10.86 0.65
N TRP C 14 1.03 -9.69 1.11
CA TRP C 14 1.89 -8.53 1.23
C TRP C 14 2.95 -8.73 2.31
N LEU C 15 4.19 -8.32 1.99
CA LEU C 15 5.35 -8.45 2.84
C LEU C 15 5.47 -7.25 3.80
N TRP C 16 6.24 -7.45 4.89
CA TRP C 16 6.52 -6.44 5.90
C TRP C 16 6.81 -5.08 5.29
N GLU C 17 7.71 -5.03 4.29
CA GLU C 17 8.20 -3.82 3.68
C GLU C 17 7.20 -3.26 2.67
N GLU C 18 6.29 -4.09 2.14
CA GLU C 18 5.25 -3.57 1.27
C GLU C 18 4.30 -2.79 2.19
N ASP C 19 3.87 -3.42 3.29
CA ASP C 19 3.01 -2.77 4.29
C ASP C 19 3.73 -1.53 4.83
N LYS C 20 5.01 -1.69 5.17
CA LYS C 20 5.90 -0.67 5.71
C LYS C 20 5.89 0.56 4.78
N ASN C 21 6.27 0.34 3.53
CA ASN C 21 6.38 1.35 2.48
C ASN C 21 5.03 1.96 2.15
N LEU C 22 3.95 1.17 2.19
CA LEU C 22 2.61 1.66 1.90
C LEU C 22 2.23 2.70 2.94
N ARG C 23 2.37 2.34 4.23
CA ARG C 23 2.06 3.22 5.34
C ARG C 23 2.93 4.48 5.25
N SER C 24 4.23 4.31 5.00
CA SER C 24 5.18 5.40 4.85
C SER C 24 4.75 6.33 3.71
N GLY C 25 4.31 5.74 2.60
CA GLY C 25 3.85 6.43 1.41
C GLY C 25 2.67 7.34 1.76
N VAL C 26 1.63 6.76 2.37
CA VAL C 26 0.46 7.50 2.78
C VAL C 26 0.87 8.60 3.78
N ARG C 27 1.76 8.30 4.71
CA ARG C 27 2.21 9.31 5.67
C ARG C 27 2.85 10.50 4.94
N LYS C 28 3.61 10.26 3.87
CA LYS C 28 4.28 11.32 3.11
C LYS C 28 3.37 12.09 2.16
N TYR C 29 2.50 11.41 1.41
CA TYR C 29 1.67 12.05 0.40
C TYR C 29 0.16 11.97 0.62
N GLY C 30 -0.30 10.97 1.37
CA GLY C 30 -1.71 10.75 1.64
C GLY C 30 -2.28 9.67 0.72
N GLU C 31 -3.61 9.49 0.77
CA GLU C 31 -4.31 8.55 -0.10
C GLU C 31 -4.46 9.23 -1.47
N GLY C 32 -4.63 8.44 -2.52
CA GLY C 32 -4.77 8.96 -3.88
C GLY C 32 -3.44 9.47 -4.41
N ASN C 33 -2.38 8.69 -4.18
CA ASN C 33 -1.02 8.95 -4.62
C ASN C 33 -0.34 7.59 -4.83
N TRP C 34 -1.08 6.58 -5.26
CA TRP C 34 -0.59 5.21 -5.42
C TRP C 34 0.49 5.09 -6.47
N SER C 35 0.31 5.67 -7.66
CA SER C 35 1.34 5.62 -8.71
C SER C 35 2.63 6.27 -8.19
N LYS C 36 2.50 7.39 -7.48
CA LYS C 36 3.62 8.12 -6.90
C LYS C 36 4.34 7.22 -5.88
N ILE C 37 3.60 6.69 -4.91
CA ILE C 37 4.10 5.82 -3.86
C ILE C 37 4.79 4.60 -4.49
N LEU C 38 4.19 4.01 -5.54
CA LEU C 38 4.72 2.87 -6.28
C LEU C 38 6.06 3.24 -6.92
N LEU C 39 6.16 4.45 -7.49
CA LEU C 39 7.39 4.89 -8.13
C LEU C 39 8.54 4.89 -7.12
N HIS C 40 8.33 5.50 -5.94
CA HIS C 40 9.33 5.57 -4.89
C HIS C 40 9.62 4.17 -4.34
N TYR C 41 8.58 3.50 -3.84
CA TYR C 41 8.60 2.19 -3.23
C TYR C 41 8.07 1.18 -4.23
N LYS C 42 8.97 0.53 -4.96
CA LYS C 42 8.64 -0.45 -5.97
C LYS C 42 8.19 -1.77 -5.32
N PHE C 43 6.88 -1.90 -5.10
CA PHE C 43 6.26 -3.09 -4.51
C PHE C 43 6.41 -4.30 -5.44
N ASN C 44 5.94 -5.47 -5.01
CA ASN C 44 6.02 -6.70 -5.81
C ASN C 44 5.46 -6.49 -7.22
N ASN C 45 4.16 -6.18 -7.31
CA ASN C 45 3.43 -5.94 -8.54
C ASN C 45 2.02 -5.50 -8.15
N ARG C 46 1.93 -4.36 -7.45
CA ARG C 46 0.71 -3.79 -6.93
C ARG C 46 0.34 -2.53 -7.74
N THR C 47 -0.84 -2.54 -8.37
CA THR C 47 -1.34 -1.42 -9.15
C THR C 47 -1.99 -0.41 -8.20
N SER C 48 -2.40 0.75 -8.72
CA SER C 48 -3.10 1.75 -7.92
C SER C 48 -4.35 1.13 -7.30
N VAL C 49 -5.03 0.23 -8.04
CA VAL C 49 -6.22 -0.47 -7.56
C VAL C 49 -5.83 -1.30 -6.34
N MET C 50 -4.84 -2.19 -6.50
CA MET C 50 -4.41 -3.05 -5.41
C MET C 50 -3.98 -2.23 -4.19
N LEU C 51 -3.18 -1.18 -4.40
CA LEU C 51 -2.68 -0.30 -3.36
C LEU C 51 -3.82 0.34 -2.56
N LYS C 52 -4.79 0.96 -3.26
CA LYS C 52 -5.93 1.58 -2.61
C LYS C 52 -6.65 0.53 -1.77
N ASP C 53 -7.06 -0.58 -2.41
CA ASP C 53 -7.76 -1.69 -1.76
C ASP C 53 -7.05 -2.10 -0.47
N ARG C 54 -5.77 -2.42 -0.58
CA ARG C 54 -4.93 -2.84 0.53
C ARG C 54 -5.00 -1.84 1.67
N TRP C 55 -4.75 -0.55 1.38
CA TRP C 55 -4.78 0.48 2.40
C TRP C 55 -6.18 0.60 3.02
N ARG C 56 -7.23 0.47 2.21
CA ARG C 56 -8.60 0.53 2.70
C ARG C 56 -8.81 -0.57 3.74
N THR C 57 -8.38 -1.79 3.40
CA THR C 57 -8.44 -2.94 4.30
C THR C 57 -7.61 -2.65 5.55
N MET C 58 -6.42 -2.07 5.40
CA MET C 58 -5.54 -1.73 6.51
C MET C 58 -6.30 -0.84 7.51
N LYS C 59 -6.82 0.29 7.03
CA LYS C 59 -7.57 1.25 7.84
C LYS C 59 -8.71 0.52 8.57
N LYS C 60 -9.51 -0.25 7.83
CA LYS C 60 -10.62 -1.02 8.35
C LYS C 60 -10.19 -2.00 9.45
N LEU C 61 -9.05 -2.68 9.25
CA LEU C 61 -8.53 -3.69 10.17
C LEU C 61 -7.96 -3.07 11.44
N LYS C 62 -6.89 -2.26 11.32
CA LYS C 62 -6.21 -1.66 12.46
C LYS C 62 -6.97 -0.47 13.06
N LEU C 63 -7.99 0.06 12.37
CA LEU C 63 -8.79 1.19 12.81
C LEU C 63 -7.91 2.42 12.96
N ILE C 64 -7.42 2.91 11.81
CA ILE C 64 -6.56 4.09 11.72
C ILE C 64 -7.14 4.97 10.61
N SER C 65 -7.41 6.25 10.93
CA SER C 65 -7.94 7.25 10.01
C SER C 65 -7.50 8.62 10.53
N ARG C 9 -2.70 -16.28 -12.18
CA ARG C 9 -2.81 -15.50 -10.95
C ARG C 9 -1.58 -15.56 -10.04
N LYS C 10 -1.00 -14.38 -9.75
CA LYS C 10 0.16 -14.25 -8.87
C LYS C 10 -0.31 -13.91 -7.46
N ARG C 11 -1.28 -14.68 -6.94
CA ARG C 11 -1.84 -14.51 -5.61
C ARG C 11 -0.70 -14.59 -4.57
N GLN C 12 -0.35 -13.46 -3.96
CA GLN C 12 0.73 -13.39 -2.99
C GLN C 12 0.40 -12.44 -1.84
N ALA C 13 0.70 -12.86 -0.61
CA ALA C 13 0.48 -12.08 0.60
C ALA C 13 1.46 -10.90 0.62
N TRP C 14 1.14 -9.86 1.38
CA TRP C 14 2.01 -8.69 1.51
C TRP C 14 3.07 -8.92 2.58
N LEU C 15 4.28 -8.42 2.30
CA LEU C 15 5.45 -8.51 3.15
C LEU C 15 5.67 -7.17 3.84
N TRP C 16 6.44 -7.16 4.94
CA TRP C 16 6.70 -5.93 5.68
C TRP C 16 7.13 -4.80 4.76
N GLU C 17 8.29 -4.87 4.13
CA GLU C 17 8.79 -3.84 3.23
C GLU C 17 7.68 -3.20 2.38
N GLU C 18 6.81 -4.00 1.76
CA GLU C 18 5.72 -3.46 0.98
C GLU C 18 4.78 -2.64 1.87
N ASP C 19 4.21 -3.26 2.93
CA ASP C 19 3.30 -2.60 3.85
C ASP C 19 3.95 -1.38 4.51
N LYS C 20 5.07 -1.59 5.20
CA LYS C 20 5.90 -0.65 5.89
C LYS C 20 6.14 0.59 5.02
N ASN C 21 6.68 0.38 3.82
CA ASN C 21 6.98 1.45 2.88
C ASN C 21 5.70 2.14 2.39
N LEU C 22 4.65 1.36 2.06
CA LEU C 22 3.36 1.88 1.62
C LEU C 22 2.80 2.86 2.66
N ARG C 23 2.73 2.41 3.91
CA ARG C 23 2.23 3.17 5.05
C ARG C 23 3.00 4.49 5.13
N SER C 24 4.34 4.42 5.03
CA SER C 24 5.15 5.63 5.05
C SER C 24 4.73 6.55 3.88
N GLY C 25 4.58 5.98 2.68
CA GLY C 25 4.18 6.69 1.47
C GLY C 25 2.87 7.45 1.68
N VAL C 26 1.86 6.79 2.26
CA VAL C 26 0.58 7.42 2.53
C VAL C 26 0.77 8.56 3.53
N ARG C 27 1.55 8.37 4.60
CA ARG C 27 1.77 9.46 5.55
C ARG C 27 2.51 10.64 4.90
N LYS C 28 3.40 10.36 3.95
CA LYS C 28 4.19 11.38 3.26
C LYS C 28 3.38 12.19 2.24
N TYR C 29 2.68 11.53 1.32
CA TYR C 29 1.94 12.17 0.23
C TYR C 29 0.42 12.17 0.37
N GLY C 30 -0.14 11.36 1.28
CA GLY C 30 -1.58 11.24 1.51
C GLY C 30 -2.15 10.10 0.67
N GLU C 31 -3.33 9.56 1.04
CA GLU C 31 -3.96 8.51 0.26
C GLU C 31 -4.43 9.10 -1.08
N GLY C 32 -4.65 8.25 -2.08
CA GLY C 32 -5.03 8.72 -3.42
C GLY C 32 -3.83 9.28 -4.15
N ASN C 33 -2.68 8.61 -3.98
CA ASN C 33 -1.40 8.93 -4.59
C ASN C 33 -0.66 7.62 -4.83
N TRP C 34 -1.39 6.54 -5.16
CA TRP C 34 -0.82 5.22 -5.37
C TRP C 34 0.15 5.20 -6.54
N SER C 35 -0.07 6.05 -7.54
CA SER C 35 0.80 6.20 -8.70
C SER C 35 2.18 6.67 -8.20
N LYS C 36 2.19 7.82 -7.54
CA LYS C 36 3.39 8.42 -6.97
C LYS C 36 4.07 7.40 -6.04
N ILE C 37 3.33 6.88 -5.06
CA ILE C 37 3.81 5.91 -4.09
C ILE C 37 4.48 4.74 -4.78
N LEU C 38 3.85 4.09 -5.78
CA LEU C 38 4.45 2.95 -6.46
C LEU C 38 5.67 3.34 -7.30
N LEU C 39 5.69 4.56 -7.85
CA LEU C 39 6.83 5.01 -8.65
C LEU C 39 8.05 5.19 -7.76
N HIS C 40 7.87 5.89 -6.63
CA HIS C 40 8.94 6.13 -5.66
C HIS C 40 9.34 4.82 -4.97
N TYR C 41 8.35 4.14 -4.39
CA TYR C 41 8.47 2.92 -3.62
C TYR C 41 7.92 1.74 -4.43
N LYS C 42 8.79 1.17 -5.27
CA LYS C 42 8.47 0.05 -6.14
C LYS C 42 8.23 -1.22 -5.31
N PHE C 43 7.03 -1.78 -5.42
CA PHE C 43 6.59 -2.98 -4.73
C PHE C 43 6.90 -4.24 -5.53
N ASN C 44 6.50 -5.42 -5.05
CA ASN C 44 6.78 -6.67 -5.74
C ASN C 44 5.93 -6.82 -7.00
N ASN C 45 4.60 -6.89 -6.86
CA ASN C 45 3.66 -7.04 -7.96
C ASN C 45 2.34 -6.34 -7.59
N ARG C 46 2.42 -5.08 -7.14
CA ARG C 46 1.27 -4.31 -6.67
C ARG C 46 0.97 -3.12 -7.57
N THR C 47 -0.28 -3.00 -8.03
CA THR C 47 -0.82 -1.94 -8.86
C THR C 47 -1.53 -0.92 -7.97
N SER C 48 -1.99 0.20 -8.55
CA SER C 48 -2.75 1.22 -7.81
C SER C 48 -3.96 0.57 -7.14
N VAL C 49 -4.58 -0.40 -7.84
CA VAL C 49 -5.73 -1.14 -7.33
C VAL C 49 -5.27 -1.95 -6.11
N MET C 50 -4.26 -2.80 -6.27
CA MET C 50 -3.76 -3.61 -5.16
C MET C 50 -3.44 -2.74 -3.93
N LEU C 51 -2.77 -1.60 -4.16
CA LEU C 51 -2.38 -0.64 -3.14
C LEU C 51 -3.60 -0.08 -2.40
N LYS C 52 -4.55 0.51 -3.12
CA LYS C 52 -5.73 1.07 -2.47
C LYS C 52 -6.50 -0.01 -1.71
N ASP C 53 -6.55 -1.24 -2.23
CA ASP C 53 -7.23 -2.34 -1.56
C ASP C 53 -6.54 -2.69 -0.26
N ARG C 54 -5.21 -2.84 -0.28
CA ARG C 54 -4.46 -3.16 0.93
C ARG C 54 -4.74 -2.10 1.99
N TRP C 55 -4.62 -0.82 1.62
CA TRP C 55 -4.88 0.30 2.52
C TRP C 55 -6.33 0.27 3.03
N ARG C 56 -7.28 0.01 2.12
CA ARG C 56 -8.70 -0.07 2.44
C ARG C 56 -8.91 -1.10 3.55
N THR C 57 -8.36 -2.32 3.35
CA THR C 57 -8.44 -3.40 4.31
C THR C 57 -7.90 -2.89 5.66
N MET C 58 -6.68 -2.34 5.66
CA MET C 58 -6.00 -1.79 6.82
C MET C 58 -6.89 -0.87 7.66
N LYS C 59 -7.48 0.15 7.03
CA LYS C 59 -8.31 1.13 7.72
C LYS C 59 -9.76 0.69 7.98
N LYS C 60 -10.19 -0.51 7.55
CA LYS C 60 -11.56 -0.98 7.84
C LYS C 60 -11.82 -0.89 9.34
N LEU C 61 -10.88 -1.42 10.11
CA LEU C 61 -10.93 -1.46 11.57
C LEU C 61 -10.38 -0.16 12.19
N LYS C 62 -10.26 0.92 11.38
CA LYS C 62 -9.74 2.22 11.82
C LYS C 62 -8.37 2.05 12.47
N LEU C 63 -7.54 1.15 11.92
CA LEU C 63 -6.23 0.86 12.46
C LEU C 63 -5.28 2.05 12.31
N ILE C 64 -5.50 2.90 11.30
CA ILE C 64 -4.70 4.09 11.06
C ILE C 64 -5.21 5.20 11.99
N SER C 65 -5.10 5.02 13.31
CA SER C 65 -5.54 5.99 14.30
C SER C 65 -4.78 5.80 15.63
N ARG C 9 -1.55 -20.34 -11.11
CA ARG C 9 -1.50 -19.09 -10.38
C ARG C 9 -1.59 -19.38 -8.88
N LYS C 10 -1.12 -18.42 -8.07
CA LYS C 10 -1.15 -18.49 -6.60
C LYS C 10 -1.05 -17.03 -6.13
N ARG C 11 -1.78 -16.72 -5.06
CA ARG C 11 -1.92 -15.41 -4.45
C ARG C 11 -0.59 -14.84 -3.95
N GLN C 12 -0.34 -13.56 -4.24
CA GLN C 12 0.84 -12.83 -3.84
C GLN C 12 0.47 -11.98 -2.63
N ALA C 13 0.47 -12.62 -1.45
CA ALA C 13 0.16 -11.95 -0.19
C ALA C 13 1.19 -10.84 0.04
N TRP C 14 0.81 -9.83 0.84
CA TRP C 14 1.67 -8.71 1.14
C TRP C 14 2.56 -9.02 2.33
N LEU C 15 3.83 -8.63 2.23
CA LEU C 15 4.85 -8.77 3.26
C LEU C 15 5.06 -7.39 3.88
N TRP C 16 5.74 -7.28 5.04
CA TRP C 16 5.95 -5.97 5.62
C TRP C 16 6.76 -5.06 4.73
N GLU C 17 7.58 -5.55 3.79
CA GLU C 17 8.30 -4.60 2.95
C GLU C 17 7.26 -3.75 2.21
N GLU C 18 6.30 -4.42 1.58
CA GLU C 18 5.22 -3.78 0.86
C GLU C 18 4.32 -2.97 1.79
N ASP C 19 3.78 -3.59 2.85
CA ASP C 19 2.86 -2.91 3.79
C ASP C 19 3.53 -1.78 4.57
N LYS C 20 4.71 -2.02 5.13
CA LYS C 20 5.45 -1.04 5.92
C LYS C 20 5.76 0.15 5.00
N ASN C 21 6.22 -0.13 3.77
CA ASN C 21 6.51 0.91 2.79
C ASN C 21 5.22 1.71 2.50
N LEU C 22 4.13 1.02 2.15
CA LEU C 22 2.84 1.64 1.85
C LEU C 22 2.42 2.60 2.95
N ARG C 23 2.40 2.11 4.19
CA ARG C 23 2.04 2.87 5.38
C ARG C 23 2.90 4.13 5.45
N SER C 24 4.22 3.98 5.33
CA SER C 24 5.16 5.09 5.36
C SER C 24 4.85 6.09 4.24
N GLY C 25 4.49 5.58 3.06
CA GLY C 25 4.11 6.38 1.91
C GLY C 25 2.90 7.23 2.22
N VAL C 26 1.88 6.63 2.85
CA VAL C 26 0.67 7.36 3.23
C VAL C 26 1.04 8.52 4.16
N ARG C 27 1.91 8.30 5.16
CA ARG C 27 2.30 9.41 6.03
C ARG C 27 3.11 10.46 5.25
N LYS C 28 4.04 10.02 4.41
CA LYS C 28 4.93 10.90 3.66
C LYS C 28 4.23 11.79 2.63
N TYR C 29 3.27 11.26 1.86
CA TYR C 29 2.59 11.99 0.79
C TYR C 29 1.06 12.00 0.91
N GLY C 30 0.50 11.57 2.04
CA GLY C 30 -0.94 11.53 2.23
C GLY C 30 -1.54 10.34 1.47
N GLU C 31 -2.87 10.19 1.54
CA GLU C 31 -3.60 9.12 0.87
C GLU C 31 -4.03 9.59 -0.53
N GLY C 32 -4.46 8.67 -1.39
CA GLY C 32 -4.94 8.95 -2.73
C GLY C 32 -3.91 9.59 -3.65
N ASN C 33 -2.76 8.93 -3.81
CA ASN C 33 -1.66 9.35 -4.69
C ASN C 33 -0.69 8.18 -4.84
N TRP C 34 -1.24 7.02 -5.16
CA TRP C 34 -0.49 5.79 -5.32
C TRP C 34 0.52 5.90 -6.46
N SER C 35 0.27 6.77 -7.46
CA SER C 35 1.22 7.00 -8.53
C SER C 35 2.53 7.53 -7.94
N LYS C 36 2.40 8.55 -7.08
CA LYS C 36 3.53 9.18 -6.42
C LYS C 36 4.25 8.16 -5.54
N ILE C 37 3.51 7.55 -4.61
CA ILE C 37 4.06 6.56 -3.69
C ILE C 37 4.84 5.48 -4.46
N LEU C 38 4.23 4.91 -5.51
CA LEU C 38 4.86 3.90 -6.35
C LEU C 38 6.13 4.44 -7.03
N LEU C 39 6.10 5.70 -7.50
CA LEU C 39 7.25 6.31 -8.15
C LEU C 39 8.41 6.46 -7.15
N HIS C 40 8.13 7.01 -5.98
CA HIS C 40 9.11 7.23 -4.93
C HIS C 40 9.73 5.92 -4.44
N TYR C 41 8.89 4.90 -4.20
CA TYR C 41 9.32 3.60 -3.70
C TYR C 41 9.19 2.53 -4.76
N LYS C 42 8.70 1.34 -4.38
CA LYS C 42 8.51 0.19 -5.24
C LYS C 42 7.68 -0.86 -4.48
N PHE C 43 7.13 -1.83 -5.22
CA PHE C 43 6.31 -2.92 -4.70
C PHE C 43 6.55 -4.15 -5.58
N ASN C 44 6.05 -5.32 -5.15
CA ASN C 44 6.20 -6.59 -5.85
C ASN C 44 5.74 -6.47 -7.31
N ASN C 45 4.43 -6.29 -7.53
CA ASN C 45 3.78 -6.14 -8.83
C ASN C 45 2.37 -5.65 -8.53
N ARG C 46 2.27 -4.45 -7.95
CA ARG C 46 1.02 -3.83 -7.53
C ARG C 46 0.59 -2.71 -8.47
N THR C 47 -0.73 -2.52 -8.57
CA THR C 47 -1.40 -1.49 -9.35
C THR C 47 -2.03 -0.49 -8.38
N SER C 48 -2.62 0.59 -8.93
CA SER C 48 -3.33 1.58 -8.14
C SER C 48 -4.46 0.90 -7.36
N VAL C 49 -5.17 -0.02 -8.03
CA VAL C 49 -6.26 -0.78 -7.45
C VAL C 49 -5.74 -1.55 -6.23
N MET C 50 -4.66 -2.32 -6.41
CA MET C 50 -4.07 -3.10 -5.34
C MET C 50 -3.68 -2.21 -4.16
N LEU C 51 -2.91 -1.15 -4.44
CA LEU C 51 -2.43 -0.21 -3.44
C LEU C 51 -3.57 0.39 -2.61
N LYS C 52 -4.54 1.02 -3.28
CA LYS C 52 -5.66 1.63 -2.59
C LYS C 52 -6.46 0.60 -1.79
N ASP C 53 -6.78 -0.54 -2.38
CA ASP C 53 -7.59 -1.55 -1.72
C ASP C 53 -6.87 -2.14 -0.51
N ARG C 54 -5.57 -2.41 -0.62
CA ARG C 54 -4.81 -2.94 0.50
C ARG C 54 -4.86 -1.90 1.63
N TRP C 55 -4.52 -0.64 1.33
CA TRP C 55 -4.58 0.39 2.37
C TRP C 55 -5.99 0.48 2.97
N ARG C 56 -7.03 0.36 2.13
CA ARG C 56 -8.41 0.42 2.58
C ARG C 56 -8.69 -0.68 3.60
N THR C 57 -8.47 -1.95 3.24
CA THR C 57 -8.74 -3.08 4.13
C THR C 57 -7.87 -3.00 5.39
N MET C 58 -6.56 -2.76 5.22
CA MET C 58 -5.60 -2.67 6.29
C MET C 58 -5.94 -1.56 7.30
N LYS C 59 -6.19 -0.34 6.80
CA LYS C 59 -6.53 0.79 7.65
C LYS C 59 -7.86 0.55 8.35
N LYS C 60 -8.85 -0.02 7.65
CA LYS C 60 -10.13 -0.33 8.24
C LYS C 60 -10.00 -1.36 9.37
N LEU C 61 -8.94 -2.19 9.36
CA LEU C 61 -8.71 -3.19 10.39
C LEU C 61 -8.23 -2.50 11.66
N LYS C 62 -6.91 -2.34 11.82
CA LYS C 62 -6.30 -1.69 12.96
C LYS C 62 -4.85 -1.42 12.59
N LEU C 63 -4.65 -0.92 11.37
CA LEU C 63 -3.32 -0.62 10.84
C LEU C 63 -3.47 0.64 9.99
N ILE C 64 -3.92 1.71 10.65
CA ILE C 64 -4.16 3.01 10.06
C ILE C 64 -3.07 3.99 10.49
N SER C 65 -2.97 5.13 9.78
CA SER C 65 -1.98 6.19 9.99
C SER C 65 -1.62 6.39 11.46
N ARG C 9 -1.35 -19.70 -6.05
CA ARG C 9 -1.55 -18.73 -4.98
C ARG C 9 -1.44 -17.29 -5.48
N LYS C 10 -2.47 -16.85 -6.22
CA LYS C 10 -2.60 -15.51 -6.77
C LYS C 10 -2.57 -14.47 -5.65
N ARG C 11 -3.22 -14.79 -4.52
CA ARG C 11 -3.34 -13.94 -3.36
C ARG C 11 -1.97 -13.89 -2.66
N GLN C 12 -1.08 -13.03 -3.17
CA GLN C 12 0.27 -12.84 -2.66
C GLN C 12 0.25 -11.97 -1.40
N ALA C 13 0.24 -12.60 -0.22
CA ALA C 13 0.24 -11.92 1.07
C ALA C 13 1.33 -10.83 1.11
N TRP C 14 0.97 -9.61 1.49
CA TRP C 14 1.92 -8.50 1.58
C TRP C 14 2.91 -8.76 2.71
N LEU C 15 4.17 -8.46 2.43
CA LEU C 15 5.29 -8.62 3.35
C LEU C 15 5.41 -7.35 4.21
N TRP C 16 6.15 -7.41 5.32
CA TRP C 16 6.33 -6.23 6.18
C TRP C 16 6.82 -5.11 5.31
N GLU C 17 8.00 -5.29 4.74
CA GLU C 17 8.63 -4.30 3.89
C GLU C 17 7.62 -3.62 2.95
N GLU C 18 6.72 -4.37 2.32
CA GLU C 18 5.71 -3.76 1.47
C GLU C 18 4.73 -2.89 2.30
N ASP C 19 4.11 -3.47 3.34
CA ASP C 19 3.17 -2.80 4.23
C ASP C 19 3.76 -1.53 4.85
N LYS C 20 4.85 -1.79 5.56
CA LYS C 20 5.73 -0.87 6.28
C LYS C 20 6.03 0.32 5.36
N ASN C 21 6.60 0.04 4.18
CA ASN C 21 6.95 1.06 3.19
C ASN C 21 5.71 1.79 2.66
N LEU C 22 4.62 1.06 2.38
CA LEU C 22 3.38 1.64 1.88
C LEU C 22 2.87 2.70 2.86
N ARG C 23 2.80 2.36 4.15
CA ARG C 23 2.38 3.24 5.22
C ARG C 23 3.24 4.50 5.20
N SER C 24 4.58 4.33 5.17
CA SER C 24 5.49 5.46 5.11
C SER C 24 5.16 6.33 3.89
N GLY C 25 4.89 5.69 2.75
CA GLY C 25 4.53 6.35 1.50
C GLY C 25 3.28 7.21 1.67
N VAL C 26 2.20 6.64 2.24
CA VAL C 26 0.96 7.37 2.47
C VAL C 26 1.22 8.59 3.33
N ARG C 27 2.00 8.45 4.41
CA ARG C 27 2.30 9.58 5.28
C ARG C 27 3.15 10.63 4.54
N LYS C 28 4.10 10.19 3.71
CA LYS C 28 5.02 11.04 2.97
C LYS C 28 4.45 11.67 1.69
N TYR C 29 3.38 11.13 1.11
CA TYR C 29 2.79 11.65 -0.13
C TYR C 29 1.28 11.84 -0.11
N GLY C 30 0.60 11.48 0.98
CA GLY C 30 -0.83 11.62 1.14
C GLY C 30 -1.61 10.42 0.58
N GLU C 31 -2.82 10.22 1.10
CA GLU C 31 -3.71 9.16 0.66
C GLU C 31 -4.35 9.65 -0.65
N GLY C 32 -4.51 8.77 -1.64
CA GLY C 32 -5.07 9.15 -2.93
C GLY C 32 -4.00 9.72 -3.85
N ASN C 33 -2.76 9.22 -3.72
CA ASN C 33 -1.59 9.58 -4.51
C ASN C 33 -0.81 8.29 -4.71
N TRP C 34 -1.53 7.24 -5.10
CA TRP C 34 -1.01 5.90 -5.29
C TRP C 34 -0.07 5.82 -6.47
N SER C 35 -0.39 6.48 -7.58
CA SER C 35 0.49 6.49 -8.74
C SER C 35 1.87 6.98 -8.32
N LYS C 36 1.90 8.09 -7.59
CA LYS C 36 3.11 8.72 -7.06
C LYS C 36 3.84 7.76 -6.12
N ILE C 37 3.15 7.25 -5.09
CA ILE C 37 3.71 6.31 -4.11
C ILE C 37 4.36 5.11 -4.82
N LEU C 38 3.65 4.51 -5.78
CA LEU C 38 4.11 3.38 -6.56
C LEU C 38 5.36 3.77 -7.36
N LEU C 39 5.36 4.98 -7.94
CA LEU C 39 6.50 5.46 -8.71
C LEU C 39 7.75 5.46 -7.83
N HIS C 40 7.65 6.02 -6.61
CA HIS C 40 8.78 6.05 -5.70
C HIS C 40 9.17 4.65 -5.24
N TYR C 41 8.21 3.95 -4.62
CA TYR C 41 8.37 2.62 -4.04
C TYR C 41 7.78 1.52 -4.93
N LYS C 42 8.66 0.65 -5.42
CA LYS C 42 8.34 -0.46 -6.30
C LYS C 42 8.09 -1.70 -5.44
N PHE C 43 6.81 -1.99 -5.17
CA PHE C 43 6.36 -3.12 -4.36
C PHE C 43 6.42 -4.44 -5.15
N ASN C 44 6.03 -5.56 -4.54
CA ASN C 44 6.05 -6.87 -5.18
C ASN C 44 4.90 -7.03 -6.16
N ASN C 45 4.99 -6.35 -7.31
CA ASN C 45 4.01 -6.38 -8.39
C ASN C 45 2.63 -5.99 -7.84
N ARG C 46 2.53 -4.76 -7.31
CA ARG C 46 1.30 -4.22 -6.75
C ARG C 46 0.86 -3.02 -7.57
N THR C 47 -0.32 -3.11 -8.20
CA THR C 47 -0.88 -2.02 -8.97
C THR C 47 -1.44 -0.98 -8.01
N SER C 48 -1.78 0.21 -8.51
CA SER C 48 -2.36 1.24 -7.66
C SER C 48 -3.64 0.71 -6.99
N VAL C 49 -4.34 -0.21 -7.65
CA VAL C 49 -5.53 -0.87 -7.15
C VAL C 49 -5.11 -1.71 -5.93
N MET C 50 -4.11 -2.60 -6.08
CA MET C 50 -3.64 -3.41 -4.96
C MET C 50 -3.25 -2.51 -3.77
N LEU C 51 -2.57 -1.39 -4.02
CA LEU C 51 -2.17 -0.46 -2.96
C LEU C 51 -3.41 0.03 -2.22
N LYS C 52 -4.42 0.50 -2.96
CA LYS C 52 -5.67 0.98 -2.37
C LYS C 52 -6.34 -0.12 -1.56
N ASP C 53 -6.44 -1.33 -2.11
CA ASP C 53 -7.07 -2.45 -1.42
C ASP C 53 -6.36 -2.72 -0.10
N ARG C 54 -5.03 -2.89 -0.14
CA ARG C 54 -4.22 -3.13 1.04
C ARG C 54 -4.48 -2.08 2.11
N TRP C 55 -4.31 -0.79 1.75
CA TRP C 55 -4.49 0.30 2.69
C TRP C 55 -5.91 0.38 3.26
N ARG C 56 -6.94 0.26 2.40
CA ARG C 56 -8.32 0.31 2.83
C ARG C 56 -8.60 -0.80 3.84
N THR C 57 -8.21 -2.04 3.52
CA THR C 57 -8.37 -3.18 4.41
C THR C 57 -7.68 -2.87 5.73
N MET C 58 -6.44 -2.37 5.69
CA MET C 58 -5.70 -2.01 6.89
C MET C 58 -6.42 -0.95 7.72
N LYS C 59 -6.98 0.09 7.08
CA LYS C 59 -7.67 1.14 7.80
C LYS C 59 -8.91 0.64 8.55
N LYS C 60 -9.59 -0.40 8.03
CA LYS C 60 -10.81 -0.93 8.65
C LYS C 60 -10.66 -1.22 10.15
N LEU C 61 -9.55 -1.84 10.58
CA LEU C 61 -9.34 -2.17 11.99
C LEU C 61 -8.56 -1.09 12.74
N LYS C 62 -8.82 0.18 12.38
CA LYS C 62 -8.22 1.35 12.97
C LYS C 62 -6.69 1.22 13.04
N LEU C 63 -6.07 1.08 11.86
CA LEU C 63 -4.62 1.03 11.79
C LEU C 63 -4.25 2.49 12.03
N ILE C 64 -4.81 3.30 11.15
CA ILE C 64 -4.75 4.74 11.08
C ILE C 64 -5.13 5.33 12.44
N SER C 65 -4.15 5.99 13.06
CA SER C 65 -4.25 6.66 14.36
C SER C 65 -3.29 7.86 14.29
N ARG C 9 -1.25 -23.02 -7.04
CA ARG C 9 -1.42 -21.84 -6.21
C ARG C 9 -1.11 -20.55 -6.97
N LYS C 10 -1.44 -19.43 -6.35
CA LYS C 10 -1.22 -18.07 -6.83
C LYS C 10 -1.02 -17.20 -5.58
N ARG C 11 -1.70 -16.05 -5.48
CA ARG C 11 -1.62 -15.14 -4.33
C ARG C 11 -0.21 -14.71 -3.96
N GLN C 12 0.30 -13.65 -4.59
CA GLN C 12 1.60 -13.11 -4.26
C GLN C 12 1.38 -12.27 -3.00
N ALA C 13 1.37 -12.91 -1.82
CA ALA C 13 1.15 -12.27 -0.54
C ALA C 13 2.07 -11.07 -0.33
N TRP C 14 1.60 -10.07 0.43
CA TRP C 14 2.35 -8.86 0.72
C TRP C 14 3.46 -9.15 1.74
N LEU C 15 4.60 -8.48 1.56
CA LEU C 15 5.78 -8.61 2.39
C LEU C 15 5.95 -7.37 3.27
N TRP C 16 6.85 -7.44 4.27
CA TRP C 16 7.10 -6.31 5.14
C TRP C 16 7.45 -5.10 4.31
N GLU C 17 8.49 -5.13 3.46
CA GLU C 17 8.90 -3.94 2.72
C GLU C 17 7.72 -3.31 1.99
N GLU C 18 6.78 -4.10 1.47
CA GLU C 18 5.62 -3.55 0.81
C GLU C 18 4.76 -2.76 1.79
N ASP C 19 4.27 -3.40 2.86
CA ASP C 19 3.43 -2.72 3.85
C ASP C 19 4.16 -1.58 4.57
N LYS C 20 5.42 -1.84 4.92
CA LYS C 20 6.38 -0.99 5.60
C LYS C 20 6.53 0.31 4.79
N ASN C 21 6.94 0.19 3.52
CA ASN C 21 7.13 1.31 2.63
C ASN C 21 5.78 2.01 2.35
N LEU C 22 4.72 1.23 2.12
CA LEU C 22 3.38 1.75 1.86
C LEU C 22 2.96 2.67 3.01
N ARG C 23 3.13 2.20 4.25
CA ARG C 23 2.80 2.97 5.45
C ARG C 23 3.58 4.28 5.43
N SER C 24 4.89 4.22 5.12
CA SER C 24 5.71 5.42 5.01
C SER C 24 5.16 6.34 3.91
N GLY C 25 4.65 5.76 2.81
CA GLY C 25 4.08 6.47 1.68
C GLY C 25 2.83 7.24 2.10
N VAL C 26 1.83 6.56 2.67
CA VAL C 26 0.59 7.19 3.11
C VAL C 26 0.91 8.22 4.20
N ARG C 27 1.84 7.92 5.10
CA ARG C 27 2.24 8.87 6.14
C ARG C 27 2.80 10.15 5.49
N LYS C 28 3.55 10.00 4.39
CA LYS C 28 4.21 11.07 3.67
C LYS C 28 3.35 11.83 2.65
N TYR C 29 2.33 11.21 2.04
CA TYR C 29 1.50 11.84 1.02
C TYR C 29 -0.01 11.69 1.23
N GLY C 30 -0.44 10.72 2.04
CA GLY C 30 -1.85 10.45 2.30
C GLY C 30 -2.46 9.58 1.21
N GLU C 31 -3.65 9.05 1.45
CA GLU C 31 -4.37 8.23 0.49
C GLU C 31 -4.67 9.02 -0.79
N GLY C 32 -4.98 8.31 -1.88
CA GLY C 32 -5.25 8.94 -3.17
C GLY C 32 -3.97 9.45 -3.83
N ASN C 33 -2.87 8.71 -3.63
CA ASN C 33 -1.55 8.98 -4.17
C ASN C 33 -0.84 7.64 -4.40
N TRP C 34 -1.61 6.59 -4.68
CA TRP C 34 -1.09 5.23 -4.86
C TRP C 34 -0.03 5.20 -5.97
N SER C 35 -0.33 5.80 -7.12
CA SER C 35 0.58 5.90 -8.26
C SER C 35 1.95 6.45 -7.83
N LYS C 36 1.93 7.58 -7.12
CA LYS C 36 3.11 8.26 -6.62
C LYS C 36 3.86 7.33 -5.67
N ILE C 37 3.16 6.80 -4.67
CA ILE C 37 3.71 5.88 -3.68
C ILE C 37 4.36 4.68 -4.37
N LEU C 38 3.76 4.18 -5.46
CA LEU C 38 4.27 3.06 -6.25
C LEU C 38 5.59 3.49 -6.92
N LEU C 39 5.62 4.69 -7.51
CA LEU C 39 6.81 5.21 -8.17
C LEU C 39 7.97 5.30 -7.17
N HIS C 40 7.70 5.84 -5.98
CA HIS C 40 8.69 5.98 -4.92
C HIS C 40 9.17 4.61 -4.44
N TYR C 41 8.22 3.75 -4.02
CA TYR C 41 8.44 2.43 -3.49
C TYR C 41 7.91 1.40 -4.48
N LYS C 42 8.82 0.85 -5.30
CA LYS C 42 8.52 -0.13 -6.33
C LYS C 42 8.14 -1.48 -5.71
N PHE C 43 6.86 -1.66 -5.42
CA PHE C 43 6.28 -2.86 -4.82
C PHE C 43 6.28 -4.06 -5.79
N ASN C 44 5.80 -5.21 -5.31
CA ASN C 44 5.71 -6.42 -6.12
C ASN C 44 4.48 -6.30 -7.04
N ASN C 45 4.64 -5.54 -8.12
CA ASN C 45 3.64 -5.28 -9.16
C ASN C 45 2.27 -4.87 -8.59
N ARG C 46 2.26 -4.12 -7.49
CA ARG C 46 1.03 -3.67 -6.86
C ARG C 46 0.52 -2.42 -7.56
N THR C 47 -0.58 -2.54 -8.30
CA THR C 47 -1.19 -1.43 -9.01
C THR C 47 -1.88 -0.50 -7.99
N SER C 48 -2.36 0.65 -8.45
CA SER C 48 -3.10 1.57 -7.60
C SER C 48 -4.31 0.85 -7.00
N VAL C 49 -4.90 -0.10 -7.75
CA VAL C 49 -6.03 -0.90 -7.29
C VAL C 49 -5.59 -1.76 -6.11
N MET C 50 -4.50 -2.52 -6.26
CA MET C 50 -4.02 -3.38 -5.19
C MET C 50 -3.63 -2.57 -3.96
N LEU C 51 -2.91 -1.46 -4.15
CA LEU C 51 -2.47 -0.57 -3.08
C LEU C 51 -3.67 -0.02 -2.31
N LYS C 52 -4.63 0.53 -3.05
CA LYS C 52 -5.87 1.07 -2.52
C LYS C 52 -6.53 0.04 -1.60
N ASP C 53 -6.84 -1.15 -2.16
CA ASP C 53 -7.48 -2.22 -1.44
C ASP C 53 -6.70 -2.61 -0.18
N ARG C 54 -5.41 -2.95 -0.35
CA ARG C 54 -4.54 -3.36 0.74
C ARG C 54 -4.66 -2.38 1.91
N TRP C 55 -4.45 -1.09 1.65
CA TRP C 55 -4.52 -0.09 2.68
C TRP C 55 -5.92 0.02 3.30
N ARG C 56 -6.98 -0.08 2.50
CA ARG C 56 -8.34 -0.01 3.03
C ARG C 56 -8.58 -1.14 4.04
N THR C 57 -8.21 -2.37 3.68
CA THR C 57 -8.35 -3.51 4.58
C THR C 57 -7.50 -3.25 5.84
N MET C 58 -6.23 -2.90 5.64
CA MET C 58 -5.29 -2.60 6.69
C MET C 58 -5.84 -1.55 7.66
N LYS C 59 -6.53 -0.54 7.13
CA LYS C 59 -7.11 0.56 7.87
C LYS C 59 -8.41 0.16 8.58
N LYS C 60 -9.46 -0.15 7.82
CA LYS C 60 -10.77 -0.52 8.34
C LYS C 60 -10.87 -1.99 8.74
N LEU C 61 -9.81 -2.59 9.28
CA LEU C 61 -9.84 -3.97 9.72
C LEU C 61 -8.64 -4.29 10.61
N LYS C 62 -7.43 -4.25 10.05
CA LYS C 62 -6.21 -4.58 10.80
C LYS C 62 -5.70 -3.45 11.70
N LEU C 63 -6.22 -2.23 11.52
CA LEU C 63 -5.88 -1.05 12.29
C LEU C 63 -4.40 -0.68 12.18
N ILE C 64 -3.92 -0.53 10.94
CA ILE C 64 -2.57 -0.16 10.50
C ILE C 64 -1.46 -0.49 11.50
N SER C 65 -1.27 0.35 12.51
CA SER C 65 -0.26 0.18 13.54
C SER C 65 -0.80 0.75 14.84
N ARG C 9 2.72 -19.55 -2.88
CA ARG C 9 1.38 -19.65 -3.46
C ARG C 9 1.30 -18.69 -4.64
N LYS C 10 0.17 -18.66 -5.34
CA LYS C 10 -0.06 -17.78 -6.48
C LYS C 10 -0.13 -16.34 -5.95
N ARG C 11 -0.97 -16.10 -4.94
CA ARG C 11 -1.13 -14.80 -4.33
C ARG C 11 -0.04 -14.59 -3.29
N GLN C 12 0.94 -13.75 -3.62
CA GLN C 12 2.03 -13.42 -2.72
C GLN C 12 1.44 -12.42 -1.72
N ALA C 13 1.06 -12.90 -0.54
CA ALA C 13 0.44 -12.07 0.49
C ALA C 13 1.31 -10.88 0.88
N TRP C 14 0.71 -9.85 1.49
CA TRP C 14 1.45 -8.67 1.91
C TRP C 14 2.20 -8.96 3.21
N LEU C 15 3.42 -8.45 3.31
CA LEU C 15 4.31 -8.58 4.46
C LEU C 15 4.80 -7.19 4.85
N TRP C 16 5.63 -7.13 5.89
CA TRP C 16 6.22 -5.87 6.38
C TRP C 16 6.83 -5.11 5.24
N GLU C 17 7.54 -5.78 4.34
CA GLU C 17 8.16 -5.06 3.25
C GLU C 17 7.13 -4.20 2.51
N GLU C 18 6.08 -4.79 1.95
CA GLU C 18 5.06 -4.03 1.25
C GLU C 18 4.30 -3.06 2.16
N ASP C 19 3.83 -3.51 3.33
CA ASP C 19 3.06 -2.66 4.26
C ASP C 19 3.86 -1.47 4.80
N LYS C 20 5.10 -1.72 5.24
CA LYS C 20 6.02 -0.73 5.79
C LYS C 20 6.35 0.28 4.68
N ASN C 21 6.67 -0.23 3.48
CA ASN C 21 6.97 0.59 2.31
C ASN C 21 5.76 1.47 1.96
N LEU C 22 4.57 0.88 1.96
CA LEU C 22 3.33 1.58 1.67
C LEU C 22 3.10 2.68 2.71
N ARG C 23 3.31 2.38 4.00
CA ARG C 23 3.15 3.35 5.07
C ARG C 23 4.06 4.55 4.80
N SER C 24 5.32 4.30 4.44
CA SER C 24 6.27 5.36 4.09
C SER C 24 5.69 6.20 2.96
N GLY C 25 5.16 5.52 1.93
CA GLY C 25 4.54 6.15 0.77
C GLY C 25 3.41 7.10 1.17
N VAL C 26 2.41 6.60 1.91
CA VAL C 26 1.28 7.40 2.35
C VAL C 26 1.75 8.58 3.20
N ARG C 27 2.71 8.37 4.11
CA ARG C 27 3.22 9.44 4.94
C ARG C 27 3.86 10.56 4.10
N LYS C 28 4.60 10.20 3.05
CA LYS C 28 5.27 11.18 2.19
C LYS C 28 4.35 11.87 1.19
N TYR C 29 3.61 11.09 0.40
CA TYR C 29 2.77 11.59 -0.69
C TYR C 29 1.28 11.69 -0.38
N GLY C 30 0.86 11.37 0.86
CA GLY C 30 -0.53 11.44 1.27
C GLY C 30 -1.34 10.25 0.75
N GLU C 31 -2.57 10.08 1.28
CA GLU C 31 -3.45 9.02 0.83
C GLU C 31 -4.07 9.45 -0.50
N GLY C 32 -4.57 8.49 -1.29
CA GLY C 32 -5.17 8.78 -2.59
C GLY C 32 -4.15 9.31 -3.58
N ASN C 33 -2.91 8.79 -3.50
CA ASN C 33 -1.79 9.13 -4.36
C ASN C 33 -1.02 7.84 -4.64
N TRP C 34 -1.76 6.76 -4.92
CA TRP C 34 -1.21 5.44 -5.18
C TRP C 34 -0.28 5.45 -6.40
N SER C 35 -0.51 6.34 -7.36
CA SER C 35 0.31 6.48 -8.54
C SER C 35 1.72 6.92 -8.12
N LYS C 36 1.77 8.04 -7.39
CA LYS C 36 3.01 8.61 -6.87
C LYS C 36 3.73 7.57 -6.01
N ILE C 37 3.00 6.99 -5.05
CA ILE C 37 3.53 5.96 -4.17
C ILE C 37 4.17 4.83 -4.98
N LEU C 38 3.45 4.27 -5.96
CA LEU C 38 3.93 3.20 -6.82
C LEU C 38 5.17 3.64 -7.63
N LEU C 39 5.20 4.89 -8.10
CA LEU C 39 6.31 5.43 -8.88
C LEU C 39 7.57 5.53 -8.04
N HIS C 40 7.48 6.24 -6.91
CA HIS C 40 8.60 6.47 -6.00
C HIS C 40 9.07 5.16 -5.34
N TYR C 41 8.11 4.36 -4.88
CA TYR C 41 8.34 3.10 -4.20
C TYR C 41 7.71 1.95 -4.98
N LYS C 42 8.53 1.06 -5.54
CA LYS C 42 8.02 -0.11 -6.24
C LYS C 42 7.57 -1.16 -5.23
N PHE C 43 6.81 -2.16 -5.69
CA PHE C 43 6.30 -3.24 -4.86
C PHE C 43 6.42 -4.58 -5.60
N ASN C 44 6.09 -5.69 -4.92
CA ASN C 44 6.17 -7.03 -5.45
C ASN C 44 5.31 -7.26 -6.70
N ASN C 45 3.98 -7.19 -6.56
CA ASN C 45 3.03 -7.40 -7.65
C ASN C 45 1.78 -6.54 -7.44
N ARG C 46 1.93 -5.36 -6.85
CA ARG C 46 0.86 -4.46 -6.51
C ARG C 46 0.67 -3.39 -7.59
N THR C 47 -0.52 -2.77 -7.61
CA THR C 47 -0.95 -1.72 -8.52
C THR C 47 -1.62 -0.64 -7.69
N SER C 48 -2.08 0.44 -8.32
CA SER C 48 -2.80 1.51 -7.63
C SER C 48 -4.00 0.91 -6.89
N VAL C 49 -4.70 -0.01 -7.57
CA VAL C 49 -5.85 -0.73 -7.04
C VAL C 49 -5.45 -1.58 -5.83
N MET C 50 -4.40 -2.40 -5.94
CA MET C 50 -3.99 -3.25 -4.81
C MET C 50 -3.55 -2.40 -3.61
N LEU C 51 -2.75 -1.35 -3.86
CA LEU C 51 -2.25 -0.43 -2.83
C LEU C 51 -3.43 0.19 -2.09
N LYS C 52 -4.37 0.76 -2.85
CA LYS C 52 -5.57 1.36 -2.32
C LYS C 52 -6.31 0.36 -1.42
N ASP C 53 -6.74 -0.76 -2.01
CA ASP C 53 -7.51 -1.76 -1.30
C ASP C 53 -6.81 -2.26 -0.03
N ARG C 54 -5.52 -2.59 -0.13
CA ARG C 54 -4.74 -3.03 1.01
C ARG C 54 -4.82 -1.99 2.13
N TRP C 55 -4.64 -0.71 1.79
CA TRP C 55 -4.69 0.34 2.78
C TRP C 55 -6.07 0.40 3.42
N ARG C 56 -7.16 0.31 2.63
CA ARG C 56 -8.51 0.30 3.19
C ARG C 56 -8.64 -0.84 4.20
N THR C 57 -8.27 -2.05 3.77
CA THR C 57 -8.30 -3.26 4.58
C THR C 57 -7.56 -3.05 5.90
N MET C 58 -6.34 -2.51 5.82
CA MET C 58 -5.47 -2.23 6.95
C MET C 58 -6.16 -1.27 7.93
N LYS C 59 -6.60 -0.10 7.43
CA LYS C 59 -7.27 0.92 8.25
C LYS C 59 -8.41 0.33 9.09
N LYS C 60 -9.17 -0.65 8.59
CA LYS C 60 -10.25 -1.25 9.35
C LYS C 60 -9.77 -1.74 10.73
N LEU C 61 -8.63 -2.44 10.75
CA LEU C 61 -8.07 -3.03 11.95
C LEU C 61 -7.12 -2.07 12.69
N LYS C 62 -6.16 -1.49 11.96
CA LYS C 62 -5.15 -0.62 12.53
C LYS C 62 -5.64 0.78 12.92
N LEU C 63 -6.74 1.25 12.33
CA LEU C 63 -7.34 2.55 12.60
C LEU C 63 -6.42 3.74 12.25
N ILE C 64 -5.47 3.55 11.33
CA ILE C 64 -4.57 4.62 10.89
C ILE C 64 -5.35 5.44 9.88
N SER C 65 -6.21 6.32 10.42
CA SER C 65 -7.12 7.20 9.71
C SER C 65 -6.48 7.84 8.48
#